data_7O1M
#
_entry.id   7O1M
#
_cell.length_a   104.057
_cell.length_b   212.370
_cell.length_c   134.004
_cell.angle_alpha   90.000
_cell.angle_beta   90.000
_cell.angle_gamma   90.000
#
_symmetry.space_group_name_H-M   'C 2 2 21'
#
loop_
_entity.id
_entity.type
_entity.pdbx_description
1 polymer 'Putative acyltransferase Rv0859'
2 polymer '3-hydroxyacyl-CoA dehydrogenase'
3 non-polymer 'SULFATE ION'
4 non-polymer GLYCEROL
5 water water
#
loop_
_entity_poly.entity_id
_entity_poly.type
_entity_poly.pdbx_seq_one_letter_code
_entity_poly.pdbx_strand_id
1 'polypeptide(L)'
;MSEEAFIYEAIRTPRGKQKNGSLHEVKPLSLVVGLIDELRKRHPDLDENLISDVILGCVSPVGDQGGDIARAAVLASGMP
VTSGGVQLNRFAASGLEAVNTAAQKVRSGWDDLVLAGGVESMSRVPMGSDGGAMGLDPATNYDVMFVPQSIGADLIATIE
GFSREDVDAYALRSQQKAAEAWSGGYFAKSVVPVRDQNGLLILDHDEHMRPDTTKEGLAKLKPAFEGLAALGGFDDVALQ
KYHWVEKINHVHTGGNSSGIVDGAALVMIGSAAAGKLQGLTPRARIVATATSGADPVIMLTGPTPATRKVLDRAGLTVDD
IDLFELNEAFASVVLKFQKDLNIPDEKLNVNGGAIAMGHPLGATGAMILGTMVDELERRNARRALITLCIGGGMGVATII
ERV
;
D
2 'polypeptide(L)'
;MGSSHHHHHHSQDPNSMPDNTIQWDKDADGIVTLTMDDPSGSTNVMNEAYIESMGKAVDRLVAEKDSITGVVVASAKKTF
FAGGDVKTMIQARPEDAGDVFNTVETIKRQLRTLETLGKPVVAAINGAALGGGLEIALACHHRIAADVKGSQLGLPEVTL
GLLPGGGGVTRTVRMFGIQNAFVSVLAQGTRFKPAKAKEIGLVDELVATVEELVPAAKAWIKEELKANPDGAGVQPWDKK
GYKMPGGTPSSPGLAAILPSFPSNLRKQLKGAPMPAPRAILAAAVEGAQVDFDTASRIESRYFASLVTGQVAKNMMQAFF
FDLQAINAGGSRPEGIGKTPIKRIGVLGAGMMGAGIAYVSAKAGYEVVLKDVSLEAAAKGKGYSEKLEAKALERGRTTQE
RSDALLARITPTADAADFKGVDFVIEAVFENQELKHKVFGEIEDIVEPNAILGSNTSTLPITGLATGVKRQEDFIGIAFF
SPVDKMPLVEIIKGEKTSDEALARVFDYTLAIGKTPIVVNDSRGFFTSRVIGTFVNEALAMLGEGVEPASIEQAGSQAGY
PAPPLQLSDELNLELMHKIAVATRKGVEDAGGTYQPHPAEAVVEKMIELGRSGRLKGAGFYEYADGKRSGLWPGLRETFK
SGSSQPPLQDMIDRMLFAEALETQKCLDEGVLTSTADANIGSIMGIGFPPWTGGSAQFIVGYSGPAGTGKAAFVARAREL
AAAYGDRFLPPESLLS
;
A
#
loop_
_chem_comp.id
_chem_comp.type
_chem_comp.name
_chem_comp.formula
GOL non-polymer GLYCEROL 'C3 H8 O3'
SO4 non-polymer 'SULFATE ION' 'O4 S -2'
#
# COMPACT_ATOMS: atom_id res chain seq x y z
N SER A 2 24.49 -44.49 -3.90
CA SER A 2 25.06 -45.75 -4.39
C SER A 2 24.60 -46.05 -5.81
N GLU A 3 23.31 -46.34 -5.95
CA GLU A 3 22.76 -46.74 -7.24
C GLU A 3 22.60 -45.54 -8.16
N GLU A 4 22.70 -45.79 -9.46
CA GLU A 4 22.52 -44.77 -10.48
C GLU A 4 21.10 -44.87 -11.06
N ALA A 5 20.47 -43.72 -11.26
CA ALA A 5 19.10 -43.65 -11.75
C ALA A 5 19.10 -43.45 -13.26
N PHE A 6 18.52 -44.40 -13.98
CA PHE A 6 18.44 -44.34 -15.44
C PHE A 6 17.00 -44.08 -15.88
N ILE A 7 16.87 -43.35 -16.98
CA ILE A 7 15.58 -43.12 -17.62
C ILE A 7 15.41 -44.17 -18.70
N TYR A 8 14.31 -44.93 -18.62
CA TYR A 8 14.05 -45.99 -19.59
C TYR A 8 13.04 -45.60 -20.65
N GLU A 9 12.00 -44.84 -20.28
CA GLU A 9 10.99 -44.40 -21.22
C GLU A 9 10.56 -42.98 -20.85
N ALA A 10 10.17 -42.20 -21.87
CA ALA A 10 9.73 -40.82 -21.66
C ALA A 10 8.76 -40.47 -22.78
N ILE A 11 7.46 -40.53 -22.49
CA ILE A 11 6.42 -40.26 -23.47
C ILE A 11 5.55 -39.12 -22.97
N ARG A 12 4.73 -38.60 -23.87
CA ARG A 12 3.82 -37.51 -23.56
C ARG A 12 2.66 -37.53 -24.54
N THR A 13 1.60 -36.81 -24.19
CA THR A 13 0.47 -36.61 -25.07
C THR A 13 0.66 -35.34 -25.90
N PRO A 14 -0.02 -35.24 -27.04
CA PRO A 14 -0.03 -33.94 -27.73
C PRO A 14 -0.77 -32.92 -26.89
N ARG A 15 -0.23 -31.70 -26.86
CA ARG A 15 -0.80 -30.63 -26.07
C ARG A 15 -1.94 -29.98 -26.84
N GLY A 16 -3.14 -29.99 -26.25
CA GLY A 16 -4.34 -29.49 -26.91
C GLY A 16 -4.68 -28.08 -26.44
N LYS A 17 -5.11 -27.25 -27.39
CA LYS A 17 -5.38 -25.85 -27.10
C LYS A 17 -6.55 -25.71 -26.12
N GLN A 18 -6.75 -24.49 -25.64
CA GLN A 18 -7.76 -24.19 -24.63
C GLN A 18 -9.13 -23.91 -25.26
N LYS A 19 -9.20 -22.94 -26.15
CA LYS A 19 -10.47 -22.52 -26.75
C LYS A 19 -10.91 -23.56 -27.78
N ASN A 20 -12.03 -24.23 -27.50
CA ASN A 20 -12.56 -25.27 -28.39
C ASN A 20 -11.50 -26.30 -28.74
N GLY A 21 -10.72 -26.70 -27.72
CA GLY A 21 -9.65 -27.66 -27.93
C GLY A 21 -10.16 -29.08 -28.04
N SER A 22 -9.26 -29.96 -28.49
CA SER A 22 -9.63 -31.37 -28.67
C SER A 22 -9.76 -32.08 -27.34
N LEU A 23 -8.83 -31.84 -26.41
CA LEU A 23 -8.78 -32.56 -25.14
C LEU A 23 -9.73 -31.98 -24.10
N HIS A 24 -10.63 -31.07 -24.48
CA HIS A 24 -11.56 -30.51 -23.50
C HIS A 24 -12.54 -31.55 -22.98
N GLU A 25 -12.88 -32.54 -23.81
CA GLU A 25 -13.79 -33.60 -23.39
C GLU A 25 -13.09 -34.72 -22.62
N VAL A 26 -11.77 -34.76 -22.64
CA VAL A 26 -11.00 -35.82 -21.99
C VAL A 26 -10.69 -35.40 -20.56
N LYS A 27 -11.16 -36.18 -19.59
CA LYS A 27 -10.84 -35.91 -18.20
C LYS A 27 -9.35 -36.16 -17.97
N PRO A 28 -8.68 -35.33 -17.15
CA PRO A 28 -7.23 -35.48 -16.98
C PRO A 28 -6.81 -36.84 -16.46
N LEU A 29 -7.69 -37.57 -15.79
CA LEU A 29 -7.35 -38.92 -15.35
C LEU A 29 -7.10 -39.84 -16.54
N SER A 30 -7.89 -39.67 -17.60
CA SER A 30 -7.73 -40.51 -18.79
C SER A 30 -6.39 -40.28 -19.47
N LEU A 31 -5.92 -39.03 -19.49
CA LEU A 31 -4.65 -38.71 -20.14
C LEU A 31 -3.51 -39.49 -19.53
N VAL A 32 -3.50 -39.64 -18.21
CA VAL A 32 -2.46 -40.42 -17.55
C VAL A 32 -2.64 -41.91 -17.84
N VAL A 33 -3.88 -42.40 -17.75
CA VAL A 33 -4.14 -43.81 -18.04
C VAL A 33 -3.75 -44.14 -19.47
N GLY A 34 -4.07 -43.25 -20.42
CA GLY A 34 -3.69 -43.48 -21.80
C GLY A 34 -2.19 -43.64 -21.97
N LEU A 35 -1.40 -42.90 -21.19
CA LEU A 35 0.05 -43.07 -21.25
C LEU A 35 0.50 -44.35 -20.57
N ILE A 36 -0.18 -44.75 -19.50
CA ILE A 36 0.13 -46.04 -18.87
C ILE A 36 -0.21 -47.19 -19.80
N ASP A 37 -1.31 -47.06 -20.56
CA ASP A 37 -1.67 -48.09 -21.52
C ASP A 37 -0.58 -48.28 -22.57
N GLU A 38 0.09 -47.19 -22.95
CA GLU A 38 1.11 -47.28 -23.99
C GLU A 38 2.42 -47.84 -23.45
N LEU A 39 2.76 -47.49 -22.21
CA LEU A 39 3.91 -48.13 -21.57
C LEU A 39 3.71 -49.64 -21.45
N ARG A 40 2.45 -50.07 -21.25
CA ARG A 40 2.15 -51.50 -21.29
C ARG A 40 2.33 -52.05 -22.70
N LYS A 41 1.82 -51.33 -23.70
CA LYS A 41 1.91 -51.80 -25.08
C LYS A 41 3.35 -51.88 -25.57
N ARG A 42 4.27 -51.15 -24.93
CA ARG A 42 5.68 -51.19 -25.32
C ARG A 42 6.46 -52.28 -24.59
N HIS A 43 6.07 -52.62 -23.36
CA HIS A 43 6.74 -53.65 -22.57
C HIS A 43 5.67 -54.56 -21.96
N PRO A 44 5.10 -55.48 -22.76
CA PRO A 44 4.08 -56.37 -22.21
C PRO A 44 4.62 -57.37 -21.22
N ASP A 45 5.92 -57.64 -21.23
CA ASP A 45 6.53 -58.62 -20.34
C ASP A 45 7.10 -58.00 -19.08
N LEU A 46 6.86 -56.72 -18.85
CA LEU A 46 7.40 -56.05 -17.68
C LEU A 46 6.58 -56.39 -16.44
N ASP A 47 7.28 -56.68 -15.34
CA ASP A 47 6.63 -56.99 -14.07
C ASP A 47 6.30 -55.67 -13.38
N GLU A 48 5.03 -55.28 -13.45
CA GLU A 48 4.59 -54.02 -12.85
C GLU A 48 4.64 -54.03 -11.33
N ASN A 49 4.81 -55.20 -10.70
CA ASN A 49 4.95 -55.25 -9.26
C ASN A 49 6.28 -54.66 -8.79
N LEU A 50 7.28 -54.61 -9.67
CA LEU A 50 8.53 -53.94 -9.33
C LEU A 50 8.34 -52.44 -9.20
N ILE A 51 7.32 -51.88 -9.85
CA ILE A 51 7.03 -50.47 -9.76
C ILE A 51 6.54 -50.16 -8.34
N SER A 52 7.35 -49.41 -7.60
CA SER A 52 7.05 -49.15 -6.19
C SER A 52 6.38 -47.80 -5.94
N ASP A 53 6.40 -46.89 -6.90
CA ASP A 53 5.78 -45.59 -6.68
C ASP A 53 5.45 -44.94 -8.02
N VAL A 54 4.44 -44.07 -8.01
CA VAL A 54 4.00 -43.32 -9.19
C VAL A 54 3.84 -41.87 -8.75
N ILE A 55 4.78 -41.03 -9.13
CA ILE A 55 4.81 -39.64 -8.70
C ILE A 55 4.34 -38.76 -9.85
N LEU A 56 3.32 -37.94 -9.60
CA LEU A 56 2.78 -37.05 -10.62
C LEU A 56 2.76 -35.62 -10.11
N GLY A 57 3.12 -34.68 -10.98
CA GLY A 57 3.01 -33.27 -10.66
C GLY A 57 1.67 -32.72 -11.11
N CYS A 58 1.12 -31.82 -10.31
CA CYS A 58 -0.15 -31.16 -10.64
C CYS A 58 -0.23 -29.87 -9.84
N VAL A 59 -0.32 -28.75 -10.54
CA VAL A 59 -0.30 -27.45 -9.86
C VAL A 59 -1.68 -27.04 -9.34
N SER A 60 -2.75 -27.52 -9.96
CA SER A 60 -4.13 -27.27 -9.51
C SER A 60 -4.79 -28.61 -9.20
N PRO A 61 -4.52 -29.19 -8.02
CA PRO A 61 -5.13 -30.48 -7.65
C PRO A 61 -6.53 -30.33 -7.08
N VAL A 62 -7.47 -29.90 -7.92
CA VAL A 62 -8.84 -29.63 -7.52
C VAL A 62 -9.78 -30.27 -8.53
N GLY A 63 -10.93 -30.73 -8.04
CA GLY A 63 -11.94 -31.32 -8.89
C GLY A 63 -11.49 -32.58 -9.59
N ASP A 64 -11.35 -32.52 -10.91
CA ASP A 64 -10.88 -33.67 -11.67
C ASP A 64 -9.46 -34.08 -11.30
N GLN A 65 -8.68 -33.19 -10.68
CA GLN A 65 -7.29 -33.45 -10.38
C GLN A 65 -7.02 -33.52 -8.87
N GLY A 66 -8.07 -33.62 -8.05
CA GLY A 66 -7.89 -33.75 -6.63
C GLY A 66 -7.85 -35.20 -6.17
N GLY A 67 -7.66 -35.37 -4.87
CA GLY A 67 -7.69 -36.69 -4.27
C GLY A 67 -6.57 -37.61 -4.72
N ASP A 68 -5.34 -37.08 -4.80
CA ASP A 68 -4.18 -37.86 -5.23
C ASP A 68 -4.45 -38.52 -6.57
N ILE A 69 -4.34 -37.75 -7.65
CA ILE A 69 -4.64 -38.28 -8.98
C ILE A 69 -3.65 -39.36 -9.37
N ALA A 70 -2.42 -39.30 -8.84
CA ALA A 70 -1.43 -40.32 -9.15
C ALA A 70 -1.89 -41.69 -8.67
N ARG A 71 -2.57 -41.73 -7.53
CA ARG A 71 -3.13 -43.00 -7.05
C ARG A 71 -4.34 -43.40 -7.88
N ALA A 72 -5.15 -42.42 -8.30
CA ALA A 72 -6.32 -42.73 -9.12
C ALA A 72 -5.90 -43.33 -10.46
N ALA A 73 -4.80 -42.83 -11.04
CA ALA A 73 -4.30 -43.41 -12.27
C ALA A 73 -3.83 -44.84 -12.07
N VAL A 74 -3.26 -45.14 -10.90
CA VAL A 74 -2.80 -46.50 -10.62
C VAL A 74 -3.97 -47.47 -10.58
N LEU A 75 -5.06 -47.07 -9.92
CA LEU A 75 -6.21 -47.96 -9.76
C LEU A 75 -7.02 -48.06 -11.06
N ALA A 76 -7.24 -46.94 -11.74
CA ALA A 76 -8.08 -46.95 -12.93
C ALA A 76 -7.41 -47.66 -14.10
N SER A 77 -6.08 -47.70 -14.12
CA SER A 77 -5.35 -48.33 -15.21
C SER A 77 -5.07 -49.81 -14.96
N GLY A 78 -5.44 -50.34 -13.80
CA GLY A 78 -5.18 -51.73 -13.50
C GLY A 78 -3.78 -52.04 -13.04
N MET A 79 -3.04 -51.05 -12.59
CA MET A 79 -1.70 -51.29 -12.06
C MET A 79 -1.80 -52.03 -10.72
N PRO A 80 -0.70 -52.67 -10.29
CA PRO A 80 -0.72 -53.35 -9.01
C PRO A 80 -1.02 -52.38 -7.86
N VAL A 81 -1.71 -52.89 -6.85
CA VAL A 81 -2.13 -52.06 -5.73
C VAL A 81 -0.94 -51.59 -4.90
N THR A 82 0.21 -52.26 -5.00
CA THR A 82 1.42 -51.86 -4.30
C THR A 82 2.17 -50.75 -5.01
N SER A 83 1.66 -50.25 -6.14
CA SER A 83 2.36 -49.23 -6.91
C SER A 83 2.29 -47.85 -6.29
N GLY A 84 1.50 -47.67 -5.23
CA GLY A 84 1.47 -46.38 -4.55
C GLY A 84 0.87 -45.28 -5.42
N GLY A 85 1.47 -44.11 -5.35
CA GLY A 85 0.99 -42.96 -6.11
C GLY A 85 0.96 -41.69 -5.30
N VAL A 86 1.77 -40.69 -5.68
CA VAL A 86 1.87 -39.43 -4.95
C VAL A 86 1.69 -38.27 -5.91
N GLN A 87 0.92 -37.27 -5.50
CA GLN A 87 0.80 -36.01 -6.21
C GLN A 87 1.61 -34.94 -5.48
N LEU A 88 2.32 -34.11 -6.23
CA LEU A 88 3.08 -33.02 -5.64
C LEU A 88 2.97 -31.78 -6.53
N ASN A 89 3.21 -30.63 -5.92
CA ASN A 89 3.06 -29.33 -6.59
C ASN A 89 4.25 -28.46 -6.24
N ARG A 90 5.11 -28.19 -7.23
CA ARG A 90 6.16 -27.18 -7.14
C ARG A 90 6.01 -26.19 -8.29
N PHE A 91 4.77 -25.72 -8.48
CA PHE A 91 4.40 -24.83 -9.57
C PHE A 91 4.89 -25.40 -10.91
N ALA A 92 5.50 -24.57 -11.76
CA ALA A 92 5.77 -25.00 -13.13
C ALA A 92 6.73 -26.19 -13.17
N ALA A 93 7.62 -26.32 -12.18
CA ALA A 93 8.59 -27.40 -12.15
C ALA A 93 8.04 -28.68 -11.51
N SER A 94 6.71 -28.79 -11.38
CA SER A 94 6.13 -29.98 -10.77
C SER A 94 6.51 -31.24 -11.54
N GLY A 95 6.47 -31.18 -12.87
CA GLY A 95 6.81 -32.35 -13.66
C GLY A 95 8.27 -32.75 -13.54
N LEU A 96 9.17 -31.76 -13.50
CA LEU A 96 10.59 -32.07 -13.39
C LEU A 96 10.96 -32.52 -11.99
N GLU A 97 10.32 -31.91 -10.97
CA GLU A 97 10.58 -32.33 -9.60
C GLU A 97 10.10 -33.76 -9.35
N ALA A 98 8.96 -34.13 -9.95
CA ALA A 98 8.50 -35.51 -9.86
C ALA A 98 9.50 -36.48 -10.45
N VAL A 99 10.21 -36.07 -11.50
CA VAL A 99 11.30 -36.89 -12.04
C VAL A 99 12.51 -36.84 -11.10
N ASN A 100 12.82 -35.65 -10.59
CA ASN A 100 13.95 -35.51 -9.67
C ASN A 100 13.72 -36.30 -8.39
N THR A 101 12.51 -36.23 -7.84
CA THR A 101 12.18 -37.01 -6.66
C THR A 101 12.24 -38.51 -6.97
N ALA A 102 11.72 -38.91 -8.13
CA ALA A 102 11.79 -40.31 -8.53
C ALA A 102 13.23 -40.77 -8.68
N ALA A 103 14.10 -39.90 -9.21
CA ALA A 103 15.50 -40.26 -9.36
C ALA A 103 16.19 -40.40 -8.01
N GLN A 104 15.89 -39.51 -7.07
CA GLN A 104 16.51 -39.58 -5.76
C GLN A 104 16.04 -40.78 -4.97
N LYS A 105 14.78 -41.20 -5.16
CA LYS A 105 14.30 -42.42 -4.50
C LYS A 105 15.04 -43.65 -4.99
N VAL A 106 15.47 -43.65 -6.25
CA VAL A 106 16.22 -44.79 -6.79
C VAL A 106 17.65 -44.78 -6.26
N ARG A 107 18.24 -43.60 -6.08
CA ARG A 107 19.62 -43.54 -5.60
C ARG A 107 19.73 -44.03 -4.16
N SER A 108 18.71 -43.77 -3.34
CA SER A 108 18.75 -44.23 -1.95
C SER A 108 18.75 -45.75 -1.87
N GLY A 109 18.10 -46.42 -2.81
CA GLY A 109 18.00 -47.87 -2.81
C GLY A 109 16.70 -48.40 -2.23
N TRP A 110 15.88 -47.54 -1.63
CA TRP A 110 14.62 -47.97 -1.02
C TRP A 110 13.50 -48.15 -2.04
N ASP A 111 13.69 -47.71 -3.28
CA ASP A 111 12.73 -47.93 -4.35
C ASP A 111 13.47 -48.47 -5.56
N ASP A 112 12.84 -49.41 -6.26
CA ASP A 112 13.48 -50.12 -7.35
C ASP A 112 13.15 -49.50 -8.71
N LEU A 113 11.87 -49.29 -8.99
CA LEU A 113 11.42 -48.79 -10.28
C LEU A 113 10.23 -47.86 -10.05
N VAL A 114 10.28 -46.66 -10.60
CA VAL A 114 9.31 -45.62 -10.30
C VAL A 114 8.86 -44.93 -11.58
N LEU A 115 7.55 -44.77 -11.75
CA LEU A 115 7.00 -43.92 -12.79
C LEU A 115 6.86 -42.50 -12.25
N ALA A 116 7.23 -41.52 -13.08
CA ALA A 116 7.13 -40.12 -12.71
C ALA A 116 6.59 -39.34 -13.90
N GLY A 117 6.07 -38.15 -13.61
CA GLY A 117 5.54 -37.30 -14.65
C GLY A 117 4.60 -36.26 -14.07
N GLY A 118 3.65 -35.83 -14.90
CA GLY A 118 2.69 -34.83 -14.48
C GLY A 118 1.49 -34.82 -15.41
N VAL A 119 0.52 -33.97 -15.05
CA VAL A 119 -0.72 -33.87 -15.81
C VAL A 119 -1.38 -32.55 -15.41
N GLU A 120 -1.95 -31.86 -16.40
CA GLU A 120 -2.66 -30.61 -16.15
C GLU A 120 -3.64 -30.39 -17.29
N SER A 121 -4.93 -30.38 -16.96
CA SER A 121 -5.99 -30.10 -17.94
CA SER A 121 -5.99 -30.10 -17.94
C SER A 121 -6.51 -28.70 -17.67
N MET A 122 -5.79 -27.71 -18.21
CA MET A 122 -6.10 -26.32 -17.93
C MET A 122 -7.41 -25.86 -18.57
N SER A 123 -7.87 -26.53 -19.62
CA SER A 123 -9.15 -26.16 -20.21
C SER A 123 -10.32 -26.48 -19.29
N ARG A 124 -10.15 -27.44 -18.38
CA ARG A 124 -11.19 -27.83 -17.42
C ARG A 124 -10.92 -27.32 -16.01
N VAL A 125 -9.69 -27.41 -15.53
CA VAL A 125 -9.31 -26.88 -14.22
C VAL A 125 -8.40 -25.68 -14.44
N PRO A 126 -8.92 -24.46 -14.40
CA PRO A 126 -8.10 -23.28 -14.72
C PRO A 126 -6.94 -23.11 -13.76
N MET A 127 -6.01 -22.24 -14.15
CA MET A 127 -4.89 -21.90 -13.30
C MET A 127 -5.35 -21.08 -12.11
N GLY A 128 -4.85 -21.43 -10.93
CA GLY A 128 -5.21 -20.73 -9.72
C GLY A 128 -6.54 -21.11 -9.13
N SER A 129 -7.14 -22.22 -9.57
CA SER A 129 -8.42 -22.64 -9.01
C SER A 129 -8.30 -23.16 -7.59
N ASP A 130 -7.11 -23.58 -7.17
CA ASP A 130 -6.89 -24.08 -5.82
C ASP A 130 -6.72 -22.97 -4.80
N GLY A 131 -6.99 -21.72 -5.17
CA GLY A 131 -6.74 -20.63 -4.25
C GLY A 131 -5.25 -20.43 -4.04
N GLY A 132 -4.90 -19.90 -2.87
CA GLY A 132 -3.51 -19.69 -2.54
C GLY A 132 -3.31 -18.84 -1.30
N ALA A 133 -2.23 -19.09 -0.57
CA ALA A 133 -1.92 -18.32 0.63
C ALA A 133 -1.15 -17.04 0.33
N MET A 134 -0.28 -17.05 -0.68
CA MET A 134 0.48 -15.85 -1.02
C MET A 134 -0.42 -14.76 -1.59
N GLY A 135 -1.42 -15.16 -2.37
CA GLY A 135 -2.20 -14.20 -3.13
C GLY A 135 -3.53 -13.80 -2.51
N LEU A 136 -4.06 -14.60 -1.59
CA LEU A 136 -5.38 -14.35 -1.05
C LEU A 136 -5.39 -14.14 0.46
N ASP A 137 -4.22 -14.07 1.08
CA ASP A 137 -4.12 -13.66 2.48
C ASP A 137 -3.46 -12.29 2.55
N PRO A 138 -4.21 -11.23 2.88
CA PRO A 138 -3.62 -9.88 2.79
C PRO A 138 -2.44 -9.67 3.71
N ALA A 139 -2.35 -10.41 4.81
CA ALA A 139 -1.21 -10.26 5.72
C ALA A 139 0.10 -10.61 5.02
N THR A 140 0.14 -11.74 4.33
CA THR A 140 1.36 -12.16 3.65
C THR A 140 1.51 -11.57 2.26
N ASN A 141 0.39 -11.34 1.57
CA ASN A 141 0.46 -10.66 0.27
C ASN A 141 1.12 -9.29 0.41
N TYR A 142 0.87 -8.60 1.52
CA TYR A 142 1.51 -7.33 1.80
C TYR A 142 2.96 -7.52 2.24
N ASP A 143 3.21 -8.52 3.10
CA ASP A 143 4.54 -8.77 3.63
C ASP A 143 5.53 -9.13 2.51
N VAL A 144 5.39 -10.31 1.93
CA VAL A 144 6.14 -10.63 0.71
C VAL A 144 5.39 -10.04 -0.47
N MET A 145 6.04 -9.14 -1.19
CA MET A 145 5.38 -8.33 -2.22
C MET A 145 5.02 -9.22 -3.40
N PHE A 146 3.76 -9.64 -3.44
CA PHE A 146 3.29 -10.55 -4.47
C PHE A 146 3.05 -9.80 -5.78
N VAL A 147 3.60 -10.34 -6.87
CA VAL A 147 3.42 -9.77 -8.20
C VAL A 147 3.21 -10.93 -9.16
N PRO A 148 2.13 -10.94 -9.95
CA PRO A 148 1.92 -12.05 -10.91
C PRO A 148 3.08 -12.16 -11.87
N GLN A 149 3.28 -13.38 -12.39
CA GLN A 149 4.42 -13.66 -13.25
C GLN A 149 4.44 -12.74 -14.47
N SER A 150 3.26 -12.43 -15.01
CA SER A 150 3.17 -11.61 -16.22
C SER A 150 3.77 -10.23 -16.04
N ILE A 151 3.92 -9.76 -14.80
CA ILE A 151 4.56 -8.49 -14.52
C ILE A 151 6.02 -8.65 -14.14
N GLY A 152 6.35 -9.74 -13.42
CA GLY A 152 7.75 -10.05 -13.17
C GLY A 152 8.53 -10.32 -14.44
N ALA A 153 7.84 -10.82 -15.47
CA ALA A 153 8.50 -11.06 -16.76
C ALA A 153 8.74 -9.77 -17.51
N ASP A 154 7.78 -8.85 -17.50
CA ASP A 154 7.99 -7.54 -18.12
C ASP A 154 9.10 -6.77 -17.41
N LEU A 155 9.27 -7.00 -16.11
CA LEU A 155 10.32 -6.31 -15.37
C LEU A 155 11.71 -6.82 -15.77
N ILE A 156 11.83 -8.14 -15.98
CA ILE A 156 13.11 -8.70 -16.44
C ILE A 156 13.50 -8.07 -17.77
N ALA A 157 12.53 -7.89 -18.67
CA ALA A 157 12.83 -7.25 -19.95
C ALA A 157 13.21 -5.78 -19.76
N THR A 158 12.56 -5.10 -18.82
CA THR A 158 12.88 -3.69 -18.57
C THR A 158 14.27 -3.53 -18.00
N ILE A 159 14.65 -4.39 -17.05
CA ILE A 159 15.97 -4.29 -16.43
C ILE A 159 17.06 -4.64 -17.43
N GLU A 160 16.90 -5.76 -18.14
CA GLU A 160 17.93 -6.24 -19.03
C GLU A 160 17.91 -5.55 -20.40
N GLY A 161 16.92 -4.71 -20.67
CA GLY A 161 16.87 -4.00 -21.93
C GLY A 161 16.37 -4.79 -23.11
N PHE A 162 15.45 -5.72 -22.89
CA PHE A 162 14.84 -6.49 -23.97
C PHE A 162 13.64 -5.73 -24.50
N SER A 163 13.63 -5.45 -25.80
CA SER A 163 12.56 -4.69 -26.41
C SER A 163 11.42 -5.61 -26.85
N ARG A 164 10.29 -4.99 -27.21
CA ARG A 164 9.17 -5.73 -27.75
C ARG A 164 9.56 -6.50 -29.01
N GLU A 165 10.46 -5.95 -29.81
CA GLU A 165 10.97 -6.68 -30.98
C GLU A 165 11.88 -7.83 -30.56
N ASP A 166 12.62 -7.68 -29.45
CA ASP A 166 13.53 -8.73 -29.02
C ASP A 166 12.76 -9.97 -28.55
N VAL A 167 11.68 -9.77 -27.80
CA VAL A 167 10.93 -10.91 -27.28
C VAL A 167 10.09 -11.56 -28.37
N ASP A 168 9.51 -10.75 -29.26
CA ASP A 168 8.74 -11.31 -30.36
C ASP A 168 9.63 -12.06 -31.35
N ALA A 169 10.90 -11.65 -31.46
CA ALA A 169 11.83 -12.38 -32.31
C ALA A 169 12.08 -13.78 -31.79
N TYR A 170 12.14 -13.94 -30.46
CA TYR A 170 12.33 -15.27 -29.89
C TYR A 170 11.10 -16.15 -30.11
N ALA A 171 9.91 -15.56 -29.97
CA ALA A 171 8.68 -16.32 -30.15
C ALA A 171 8.59 -16.87 -31.57
N LEU A 172 9.04 -16.10 -32.56
CA LEU A 172 9.07 -16.59 -33.93
C LEU A 172 10.04 -17.75 -34.08
N ARG A 173 11.16 -17.71 -33.33
CA ARG A 173 12.13 -18.80 -33.38
C ARG A 173 11.55 -20.08 -32.81
N SER A 174 10.74 -19.98 -31.76
CA SER A 174 10.15 -21.17 -31.15
C SER A 174 9.13 -21.81 -32.09
N GLN A 175 8.26 -20.99 -32.68
CA GLN A 175 7.25 -21.51 -33.61
C GLN A 175 7.88 -22.24 -34.78
N GLN A 176 9.07 -21.81 -35.21
CA GLN A 176 9.72 -22.42 -36.36
C GLN A 176 10.36 -23.75 -36.00
N LYS A 177 11.20 -23.76 -34.96
CA LYS A 177 11.89 -25.00 -34.60
C LYS A 177 10.92 -26.08 -34.17
N ALA A 178 9.77 -25.70 -33.61
CA ALA A 178 8.73 -26.68 -33.30
C ALA A 178 8.07 -27.20 -34.58
N ALA A 179 7.88 -26.31 -35.56
CA ALA A 179 7.37 -26.75 -36.86
C ALA A 179 8.38 -27.61 -37.59
N GLU A 180 9.66 -27.26 -37.47
CA GLU A 180 10.72 -28.10 -38.05
C GLU A 180 10.80 -29.44 -37.36
N ALA A 181 10.48 -29.51 -36.07
CA ALA A 181 10.56 -30.76 -35.34
C ALA A 181 9.47 -31.73 -35.79
N TRP A 182 8.24 -31.25 -35.94
CA TRP A 182 7.17 -32.12 -36.41
C TRP A 182 7.38 -32.53 -37.86
N SER A 183 7.85 -31.60 -38.70
CA SER A 183 8.14 -31.95 -40.09
C SER A 183 9.26 -33.00 -40.17
N GLY A 184 10.33 -32.79 -39.42
CA GLY A 184 11.41 -33.75 -39.37
C GLY A 184 11.10 -35.03 -38.63
N GLY A 185 9.91 -35.14 -38.03
CA GLY A 185 9.53 -36.35 -37.33
C GLY A 185 10.27 -36.58 -36.03
N TYR A 186 10.79 -35.52 -35.41
CA TYR A 186 11.53 -35.68 -34.16
C TYR A 186 10.63 -36.07 -33.00
N PHE A 187 9.33 -35.82 -33.11
CA PHE A 187 8.37 -36.09 -32.05
C PHE A 187 7.52 -37.33 -32.31
N ALA A 188 7.87 -38.13 -33.32
CA ALA A 188 6.99 -39.22 -33.74
C ALA A 188 6.97 -40.35 -32.71
N LYS A 189 8.12 -40.66 -32.10
CA LYS A 189 8.22 -41.81 -31.22
C LYS A 189 7.78 -41.53 -29.80
N SER A 190 7.70 -40.27 -29.38
CA SER A 190 7.38 -39.94 -28.00
C SER A 190 5.99 -39.37 -27.80
N VAL A 191 5.43 -38.70 -28.81
CA VAL A 191 4.08 -38.12 -28.69
C VAL A 191 3.06 -39.23 -28.91
N VAL A 192 2.30 -39.55 -27.87
CA VAL A 192 1.33 -40.63 -27.90
C VAL A 192 -0.04 -40.04 -28.22
N PRO A 193 -0.65 -40.39 -29.35
CA PRO A 193 -1.95 -39.80 -29.70
C PRO A 193 -3.03 -40.19 -28.70
N VAL A 194 -3.88 -39.23 -28.37
CA VAL A 194 -4.97 -39.43 -27.41
C VAL A 194 -6.17 -40.00 -28.16
N ARG A 195 -6.74 -41.08 -27.62
CA ARG A 195 -7.88 -41.75 -28.22
C ARG A 195 -8.98 -41.93 -27.19
N ASP A 196 -10.17 -42.28 -27.68
CA ASP A 196 -11.33 -42.47 -26.83
C ASP A 196 -11.46 -43.95 -26.45
N GLN A 197 -12.57 -44.30 -25.81
CA GLN A 197 -12.79 -45.68 -25.39
C GLN A 197 -13.04 -46.64 -26.56
N ASN A 198 -13.30 -46.11 -27.75
CA ASN A 198 -13.51 -46.95 -28.93
C ASN A 198 -12.27 -47.09 -29.79
N GLY A 199 -11.22 -46.30 -29.55
CA GLY A 199 -10.04 -46.30 -30.36
C GLY A 199 -9.96 -45.18 -31.36
N LEU A 200 -11.03 -44.39 -31.52
CA LEU A 200 -11.02 -43.28 -32.45
C LEU A 200 -10.07 -42.18 -31.97
N LEU A 201 -9.48 -41.47 -32.93
CA LEU A 201 -8.49 -40.45 -32.61
C LEU A 201 -9.17 -39.18 -32.12
N ILE A 202 -8.57 -38.55 -31.11
CA ILE A 202 -9.00 -37.25 -30.62
C ILE A 202 -7.97 -36.17 -30.91
N LEU A 203 -6.68 -36.48 -30.75
CA LEU A 203 -5.62 -35.52 -30.98
C LEU A 203 -4.33 -36.27 -31.27
N ASP A 204 -3.57 -35.77 -32.25
CA ASP A 204 -2.32 -36.42 -32.63
C ASP A 204 -1.21 -35.41 -32.91
N HIS A 205 -1.35 -34.16 -32.45
CA HIS A 205 -0.39 -33.12 -32.73
C HIS A 205 -0.63 -31.96 -31.78
N ASP A 206 0.45 -31.25 -31.45
CA ASP A 206 0.36 -30.07 -30.60
C ASP A 206 -0.40 -28.96 -31.29
N GLU A 207 -1.72 -28.94 -31.13
CA GLU A 207 -2.59 -28.08 -31.92
C GLU A 207 -2.55 -26.61 -31.50
N HIS A 208 -1.78 -26.25 -30.48
CA HIS A 208 -1.58 -24.84 -30.16
C HIS A 208 -0.57 -24.18 -31.09
N MET A 209 0.18 -24.96 -31.86
CA MET A 209 1.20 -24.41 -32.75
C MET A 209 0.58 -23.56 -33.84
N ARG A 210 1.28 -22.50 -34.21
CA ARG A 210 0.91 -21.65 -35.35
C ARG A 210 2.14 -21.55 -36.24
N PRO A 211 2.41 -22.57 -37.05
CA PRO A 211 3.66 -22.58 -37.84
C PRO A 211 3.76 -21.45 -38.86
N ASP A 212 2.66 -20.76 -39.15
CA ASP A 212 2.64 -19.64 -40.08
C ASP A 212 2.77 -18.30 -39.39
N THR A 213 3.24 -18.28 -38.14
CA THR A 213 3.41 -17.03 -37.41
C THR A 213 4.45 -16.16 -38.08
N THR A 214 4.14 -14.88 -38.24
CA THR A 214 5.04 -13.92 -38.88
C THR A 214 5.47 -12.87 -37.85
N LYS A 215 6.58 -12.20 -38.17
CA LYS A 215 7.09 -11.15 -37.29
C LYS A 215 6.11 -10.00 -37.16
N GLU A 216 5.31 -9.75 -38.21
CA GLU A 216 4.35 -8.67 -38.17
C GLU A 216 3.11 -9.04 -37.35
N GLY A 217 2.66 -10.29 -37.46
CA GLY A 217 1.50 -10.71 -36.70
C GLY A 217 1.72 -10.68 -35.20
N LEU A 218 2.98 -10.83 -34.76
CA LEU A 218 3.28 -10.79 -33.34
C LEU A 218 3.25 -9.37 -32.78
N ALA A 219 3.57 -8.38 -33.60
CA ALA A 219 3.55 -6.99 -33.15
C ALA A 219 2.13 -6.43 -33.08
N LYS A 220 1.18 -7.03 -33.79
CA LYS A 220 -0.20 -6.56 -33.77
C LYS A 220 -0.93 -6.88 -32.48
N LEU A 221 -0.35 -7.71 -31.62
CA LEU A 221 -1.03 -8.12 -30.41
C LEU A 221 -0.91 -7.06 -29.32
N LYS A 222 -1.82 -7.15 -28.32
CA LYS A 222 -1.88 -6.26 -27.18
C LYS A 222 -0.96 -6.76 -26.06
N PRO A 223 -0.48 -5.87 -25.21
CA PRO A 223 0.23 -6.32 -24.01
C PRO A 223 -0.68 -7.14 -23.12
N ALA A 224 -0.07 -8.10 -22.40
CA ALA A 224 -0.82 -9.07 -21.61
C ALA A 224 -1.66 -8.38 -20.52
N PHE A 225 -2.92 -8.07 -20.86
CA PHE A 225 -3.88 -7.50 -19.92
C PHE A 225 -5.16 -8.33 -19.98
N GLU A 226 -5.11 -9.53 -19.41
CA GLU A 226 -6.24 -10.45 -19.50
C GLU A 226 -6.63 -11.01 -18.13
N GLY A 227 -5.71 -11.73 -17.49
CA GLY A 227 -6.02 -12.39 -16.23
C GLY A 227 -5.80 -11.55 -15.00
N LEU A 228 -4.62 -11.67 -14.40
CA LEU A 228 -4.32 -10.96 -13.16
C LEU A 228 -3.71 -9.58 -13.38
N ALA A 229 -3.10 -9.33 -14.54
CA ALA A 229 -2.50 -8.03 -14.80
C ALA A 229 -3.55 -6.95 -15.06
N ALA A 230 -4.80 -7.34 -15.31
CA ALA A 230 -5.86 -6.35 -15.52
C ALA A 230 -6.22 -5.60 -14.25
N LEU A 231 -5.68 -6.00 -13.10
CA LEU A 231 -5.91 -5.32 -11.85
C LEU A 231 -4.88 -4.20 -11.66
N GLY A 232 -5.26 -3.21 -10.84
CA GLY A 232 -4.36 -2.13 -10.53
C GLY A 232 -3.53 -2.39 -9.29
N GLY A 233 -2.35 -1.78 -9.24
CA GLY A 233 -1.51 -1.88 -8.06
C GLY A 233 -0.16 -2.54 -8.31
N PHE A 234 -0.16 -3.69 -8.98
CA PHE A 234 1.08 -4.43 -9.19
C PHE A 234 2.10 -3.65 -10.01
N ASP A 235 1.65 -2.69 -10.82
CA ASP A 235 2.58 -1.86 -11.58
C ASP A 235 3.53 -1.12 -10.64
N ASP A 236 2.98 -0.50 -9.59
CA ASP A 236 3.80 0.29 -8.68
C ASP A 236 4.44 -0.57 -7.58
N VAL A 237 3.83 -1.70 -7.25
CA VAL A 237 4.34 -2.54 -6.17
C VAL A 237 5.73 -3.06 -6.50
N ALA A 238 5.94 -3.50 -7.74
CA ALA A 238 7.24 -4.04 -8.13
C ALA A 238 8.32 -2.95 -8.10
N LEU A 239 7.95 -1.73 -8.49
CA LEU A 239 8.92 -0.64 -8.51
C LEU A 239 9.31 -0.16 -7.12
N GLN A 240 8.58 -0.57 -6.08
CA GLN A 240 9.01 -0.28 -4.71
C GLN A 240 10.20 -1.15 -4.34
N LYS A 241 10.20 -2.40 -4.80
CA LYS A 241 11.33 -3.28 -4.54
C LYS A 241 12.54 -2.89 -5.36
N TYR A 242 12.37 -2.80 -6.69
CA TYR A 242 13.44 -2.35 -7.59
C TYR A 242 13.29 -0.84 -7.75
N HIS A 243 13.85 -0.11 -6.77
CA HIS A 243 13.68 1.34 -6.72
C HIS A 243 14.43 2.06 -7.84
N TRP A 244 15.46 1.44 -8.42
CA TRP A 244 16.24 2.10 -9.46
C TRP A 244 15.60 2.00 -10.84
N VAL A 245 14.37 1.49 -10.94
CA VAL A 245 13.64 1.40 -12.20
C VAL A 245 12.45 2.34 -12.14
N GLU A 246 12.33 3.21 -13.14
CA GLU A 246 11.28 4.21 -13.17
C GLU A 246 9.99 3.68 -13.78
N LYS A 247 10.07 3.06 -14.96
CA LYS A 247 8.90 2.65 -15.72
C LYS A 247 9.06 1.19 -16.13
N ILE A 248 7.99 0.41 -15.94
CA ILE A 248 7.97 -0.98 -16.39
C ILE A 248 7.53 -1.02 -17.85
N ASN A 249 8.34 -1.64 -18.70
CA ASN A 249 8.05 -1.75 -20.13
C ASN A 249 7.33 -3.08 -20.36
N HIS A 250 6.01 -3.00 -20.57
CA HIS A 250 5.19 -4.20 -20.75
C HIS A 250 5.36 -4.72 -22.16
N VAL A 251 6.16 -5.77 -22.32
CA VAL A 251 6.48 -6.29 -23.64
C VAL A 251 5.86 -7.65 -23.92
N HIS A 252 5.43 -8.38 -22.89
CA HIS A 252 4.95 -9.75 -23.10
C HIS A 252 3.48 -9.74 -23.48
N THR A 253 3.15 -10.51 -24.51
CA THR A 253 1.80 -10.63 -25.05
C THR A 253 1.38 -12.09 -25.06
N GLY A 254 0.32 -12.38 -25.81
CA GLY A 254 -0.12 -13.75 -25.98
C GLY A 254 0.68 -14.56 -26.98
N GLY A 255 1.56 -13.91 -27.74
CA GLY A 255 2.35 -14.60 -28.74
C GLY A 255 3.75 -14.94 -28.27
N ASN A 256 4.26 -14.19 -27.29
CA ASN A 256 5.58 -14.43 -26.73
C ASN A 256 5.52 -15.03 -25.33
N SER A 257 4.33 -15.38 -24.85
CA SER A 257 4.16 -16.08 -23.59
C SER A 257 3.71 -17.52 -23.86
N SER A 258 3.91 -18.37 -22.86
CA SER A 258 3.51 -19.77 -22.99
C SER A 258 2.00 -19.89 -23.13
N GLY A 259 1.57 -20.76 -24.04
CA GLY A 259 0.16 -21.00 -24.22
C GLY A 259 -0.43 -21.85 -23.12
N ILE A 260 -1.76 -21.82 -23.02
CA ILE A 260 -2.51 -22.58 -22.03
C ILE A 260 -3.08 -23.81 -22.71
N VAL A 261 -2.56 -24.99 -22.37
CA VAL A 261 -2.91 -26.23 -23.05
C VAL A 261 -3.09 -27.34 -22.03
N ASP A 262 -3.70 -28.43 -22.49
CA ASP A 262 -3.84 -29.67 -21.73
C ASP A 262 -2.77 -30.67 -22.16
N GLY A 263 -2.58 -31.70 -21.34
CA GLY A 263 -1.63 -32.74 -21.67
C GLY A 263 -1.12 -33.44 -20.44
N ALA A 264 -0.29 -34.44 -20.68
CA ALA A 264 0.28 -35.27 -19.63
C ALA A 264 1.59 -35.88 -20.12
N ALA A 265 2.41 -36.32 -19.18
CA ALA A 265 3.68 -36.94 -19.51
C ALA A 265 4.03 -37.99 -18.47
N LEU A 266 4.76 -39.02 -18.91
CA LEU A 266 5.21 -40.09 -18.03
C LEU A 266 6.68 -40.40 -18.30
N VAL A 267 7.42 -40.66 -17.22
CA VAL A 267 8.83 -41.03 -17.29
C VAL A 267 9.04 -42.26 -16.43
N MET A 268 9.72 -43.27 -16.97
CA MET A 268 10.02 -44.50 -16.26
C MET A 268 11.47 -44.46 -15.80
N ILE A 269 11.67 -44.52 -14.48
CA ILE A 269 12.99 -44.42 -13.87
C ILE A 269 13.19 -45.61 -12.95
N GLY A 270 14.39 -46.19 -12.99
CA GLY A 270 14.71 -47.30 -12.13
C GLY A 270 16.21 -47.50 -12.05
N SER A 271 16.61 -48.43 -11.19
CA SER A 271 18.01 -48.76 -11.02
C SER A 271 18.50 -49.60 -12.20
N ALA A 272 19.82 -49.80 -12.24
CA ALA A 272 20.40 -50.59 -13.33
C ALA A 272 19.97 -52.04 -13.26
N ALA A 273 19.99 -52.64 -12.07
CA ALA A 273 19.57 -54.02 -11.93
C ALA A 273 18.09 -54.20 -12.21
N ALA A 274 17.28 -53.17 -11.96
CA ALA A 274 15.85 -53.27 -12.22
C ALA A 274 15.58 -53.32 -13.72
N GLY A 275 16.32 -52.55 -14.51
CA GLY A 275 16.12 -52.56 -15.95
C GLY A 275 16.63 -53.83 -16.60
N LYS A 276 17.80 -54.30 -16.16
CA LYS A 276 18.34 -55.55 -16.69
C LYS A 276 17.44 -56.73 -16.35
N LEU A 277 16.87 -56.74 -15.14
CA LEU A 277 15.99 -57.83 -14.74
C LEU A 277 14.67 -57.79 -15.49
N GLN A 278 14.25 -56.61 -15.93
CA GLN A 278 13.00 -56.44 -16.67
C GLN A 278 13.21 -56.41 -18.18
N GLY A 279 14.42 -56.65 -18.66
CA GLY A 279 14.71 -56.59 -20.08
C GLY A 279 14.54 -55.21 -20.67
N LEU A 280 14.95 -54.18 -19.93
CA LEU A 280 14.86 -52.80 -20.39
C LEU A 280 16.23 -52.27 -20.78
N THR A 281 16.24 -51.31 -21.69
CA THR A 281 17.48 -50.69 -22.14
C THR A 281 17.54 -49.25 -21.64
N PRO A 282 18.55 -48.88 -20.87
CA PRO A 282 18.62 -47.51 -20.36
C PRO A 282 18.93 -46.53 -21.48
N ARG A 283 18.08 -45.51 -21.62
CA ARG A 283 18.25 -44.51 -22.66
C ARG A 283 18.97 -43.26 -22.19
N ALA A 284 19.00 -43.01 -20.89
CA ALA A 284 19.67 -41.84 -20.34
C ALA A 284 19.92 -42.06 -18.85
N ARG A 285 20.91 -41.35 -18.33
CA ARG A 285 21.25 -41.38 -16.91
C ARG A 285 21.18 -39.98 -16.33
N ILE A 286 20.62 -39.86 -15.14
CA ILE A 286 20.48 -38.57 -14.47
C ILE A 286 21.73 -38.34 -13.63
N VAL A 287 22.42 -37.25 -13.91
CA VAL A 287 23.72 -36.98 -13.28
C VAL A 287 23.56 -36.17 -11.99
N ALA A 288 22.75 -35.12 -12.02
CA ALA A 288 22.59 -34.28 -10.84
C ALA A 288 21.31 -33.47 -10.95
N THR A 289 20.72 -33.17 -9.79
CA THR A 289 19.63 -32.23 -9.66
C THR A 289 19.94 -31.27 -8.52
N ALA A 290 19.31 -30.10 -8.55
CA ALA A 290 19.49 -29.13 -7.47
C ALA A 290 18.35 -28.13 -7.50
N THR A 291 18.12 -27.51 -6.35
CA THR A 291 17.09 -26.50 -6.17
C THR A 291 17.73 -25.26 -5.58
N SER A 292 17.45 -24.10 -6.18
CA SER A 292 17.92 -22.82 -5.68
C SER A 292 16.80 -21.83 -5.89
N GLY A 293 17.14 -20.54 -5.96
CA GLY A 293 16.12 -19.53 -6.19
C GLY A 293 16.72 -18.14 -6.13
N ALA A 294 15.86 -17.16 -6.46
CA ALA A 294 16.21 -15.76 -6.41
C ALA A 294 14.94 -14.97 -6.09
N ASP A 295 15.10 -13.64 -5.99
CA ASP A 295 14.07 -12.66 -5.60
C ASP A 295 12.67 -13.08 -6.03
N PRO A 296 11.75 -13.32 -5.08
CA PRO A 296 10.39 -13.75 -5.45
C PRO A 296 9.53 -12.64 -6.02
N VAL A 297 9.94 -11.37 -5.91
CA VAL A 297 9.17 -10.29 -6.53
C VAL A 297 9.28 -10.38 -8.05
N ILE A 298 10.52 -10.48 -8.57
CA ILE A 298 10.72 -10.69 -9.99
C ILE A 298 10.28 -12.11 -10.37
N MET A 299 10.36 -13.04 -9.41
CA MET A 299 9.65 -14.32 -9.45
C MET A 299 10.12 -15.29 -10.54
N LEU A 300 10.89 -14.80 -11.52
CA LEU A 300 11.20 -15.63 -12.68
C LEU A 300 12.70 -15.65 -13.01
N THR A 301 13.55 -15.45 -12.01
CA THR A 301 15.00 -15.57 -12.20
C THR A 301 15.59 -16.77 -11.48
N GLY A 302 14.74 -17.69 -11.02
CA GLY A 302 15.17 -18.90 -10.34
C GLY A 302 16.08 -19.82 -11.12
N PRO A 303 15.87 -20.03 -12.42
CA PRO A 303 16.69 -21.03 -13.14
C PRO A 303 18.18 -20.70 -13.20
N THR A 304 18.57 -19.41 -13.10
CA THR A 304 19.98 -19.08 -13.25
C THR A 304 20.83 -19.62 -12.10
N PRO A 305 20.47 -19.41 -10.82
CA PRO A 305 21.27 -20.04 -9.75
C PRO A 305 21.06 -21.53 -9.64
N ALA A 306 19.88 -22.03 -10.01
CA ALA A 306 19.64 -23.47 -9.95
C ALA A 306 20.51 -24.22 -10.96
N THR A 307 20.82 -23.60 -12.09
CA THR A 307 21.66 -24.26 -13.08
C THR A 307 23.10 -24.31 -12.64
N ARG A 308 23.62 -23.21 -12.09
CA ARG A 308 25.00 -23.19 -11.61
C ARG A 308 25.21 -24.18 -10.48
N LYS A 309 24.20 -24.39 -9.64
CA LYS A 309 24.32 -25.34 -8.55
C LYS A 309 24.40 -26.78 -9.08
N VAL A 310 23.65 -27.07 -10.15
CA VAL A 310 23.69 -28.41 -10.72
C VAL A 310 25.04 -28.68 -11.39
N LEU A 311 25.54 -27.70 -12.15
CA LEU A 311 26.82 -27.87 -12.82
C LEU A 311 27.95 -28.05 -11.83
N ASP A 312 27.88 -27.35 -10.69
CA ASP A 312 28.92 -27.48 -9.68
C ASP A 312 28.89 -28.85 -9.03
N ARG A 313 27.70 -29.36 -8.69
CA ARG A 313 27.61 -30.66 -8.05
C ARG A 313 28.00 -31.78 -9.01
N ALA A 314 27.65 -31.64 -10.29
CA ALA A 314 28.04 -32.62 -11.30
C ALA A 314 29.50 -32.48 -11.71
N GLY A 315 30.21 -31.49 -11.19
CA GLY A 315 31.60 -31.28 -11.57
C GLY A 315 31.79 -30.85 -13.00
N LEU A 316 30.81 -30.16 -13.57
CA LEU A 316 30.84 -29.76 -14.97
C LEU A 316 30.69 -28.24 -15.07
N THR A 317 30.91 -27.73 -16.28
CA THR A 317 30.75 -26.33 -16.59
C THR A 317 29.76 -26.17 -17.75
N VAL A 318 29.64 -24.95 -18.27
CA VAL A 318 28.68 -24.68 -19.33
C VAL A 318 29.13 -25.33 -20.64
N ASP A 319 30.43 -25.48 -20.83
CA ASP A 319 30.94 -26.06 -22.08
C ASP A 319 30.68 -27.56 -22.18
N ASP A 320 30.53 -28.25 -21.04
CA ASP A 320 30.33 -29.70 -21.05
C ASP A 320 28.92 -30.10 -21.46
N ILE A 321 27.99 -29.16 -21.55
CA ILE A 321 26.60 -29.45 -21.89
C ILE A 321 26.41 -29.33 -23.40
N ASP A 322 25.66 -30.26 -23.98
CA ASP A 322 25.37 -30.23 -25.41
C ASP A 322 24.04 -29.59 -25.76
N LEU A 323 23.03 -29.72 -24.91
CA LEU A 323 21.71 -29.17 -25.18
C LEU A 323 21.15 -28.53 -23.92
N PHE A 324 20.64 -27.30 -24.08
CA PHE A 324 19.97 -26.59 -23.00
C PHE A 324 18.48 -26.52 -23.30
N GLU A 325 17.66 -26.80 -22.29
CA GLU A 325 16.20 -26.78 -22.44
C GLU A 325 15.60 -26.09 -21.22
N LEU A 326 15.19 -24.84 -21.41
CA LEU A 326 14.49 -24.08 -20.38
C LEU A 326 13.04 -23.87 -20.80
N ASN A 327 12.13 -24.02 -19.84
CA ASN A 327 10.71 -23.83 -20.12
C ASN A 327 10.45 -22.41 -20.60
N GLU A 328 9.67 -22.29 -21.68
CA GLU A 328 9.34 -20.99 -22.27
C GLU A 328 8.07 -20.42 -21.66
N ALA A 329 8.12 -20.16 -20.35
CA ALA A 329 6.98 -19.52 -19.70
C ALA A 329 6.84 -18.08 -20.17
N PHE A 330 7.96 -17.36 -20.28
CA PHE A 330 7.97 -16.02 -20.84
C PHE A 330 9.27 -15.84 -21.61
N ALA A 331 9.19 -15.13 -22.73
CA ALA A 331 10.35 -15.02 -23.63
C ALA A 331 11.53 -14.35 -22.95
N SER A 332 11.28 -13.30 -22.17
CA SER A 332 12.37 -12.60 -21.50
C SER A 332 13.05 -13.45 -20.43
N VAL A 333 12.34 -14.43 -19.87
CA VAL A 333 12.96 -15.32 -18.91
C VAL A 333 14.03 -16.16 -19.59
N VAL A 334 13.78 -16.59 -20.83
CA VAL A 334 14.76 -17.36 -21.57
C VAL A 334 15.93 -16.47 -22.00
N LEU A 335 15.62 -15.24 -22.44
CA LEU A 335 16.69 -14.32 -22.85
C LEU A 335 17.53 -13.88 -21.67
N LYS A 336 16.91 -13.70 -20.50
CA LYS A 336 17.67 -13.44 -19.29
C LYS A 336 18.58 -14.60 -18.94
N PHE A 337 18.03 -15.82 -19.00
CA PHE A 337 18.84 -17.02 -18.78
C PHE A 337 19.95 -17.15 -19.82
N GLN A 338 19.69 -16.70 -21.05
CA GLN A 338 20.69 -16.79 -22.11
C GLN A 338 21.75 -15.71 -22.01
N LYS A 339 21.50 -14.64 -21.24
CA LYS A 339 22.49 -13.59 -21.07
C LYS A 339 23.33 -13.79 -19.82
N ASP A 340 22.70 -14.20 -18.71
CA ASP A 340 23.46 -14.51 -17.50
C ASP A 340 24.54 -15.56 -17.78
N LEU A 341 24.20 -16.58 -18.57
CA LEU A 341 25.13 -17.59 -19.03
C LEU A 341 25.13 -17.55 -20.55
N ASN A 342 26.29 -17.28 -21.15
CA ASN A 342 26.38 -17.17 -22.60
C ASN A 342 26.17 -18.54 -23.23
N ILE A 343 25.03 -18.72 -23.87
CA ILE A 343 24.62 -20.02 -24.42
C ILE A 343 24.27 -19.86 -25.90
N PRO A 344 24.81 -20.68 -26.79
CA PRO A 344 24.47 -20.56 -28.21
C PRO A 344 23.05 -21.02 -28.49
N ASP A 345 22.43 -20.38 -29.48
CA ASP A 345 21.05 -20.70 -29.84
C ASP A 345 20.91 -22.08 -30.48
N GLU A 346 21.99 -22.63 -31.03
CA GLU A 346 21.93 -24.00 -31.54
C GLU A 346 21.88 -25.04 -30.43
N LYS A 347 21.95 -24.62 -29.16
CA LYS A 347 21.84 -25.52 -28.03
C LYS A 347 20.62 -25.24 -27.17
N LEU A 348 19.93 -24.12 -27.36
CA LEU A 348 18.85 -23.70 -26.47
C LEU A 348 17.50 -23.94 -27.16
N ASN A 349 16.74 -24.89 -26.63
CA ASN A 349 15.40 -25.22 -27.11
C ASN A 349 15.42 -25.49 -28.61
N VAL A 350 16.17 -26.53 -28.97
CA VAL A 350 16.41 -26.85 -30.37
C VAL A 350 15.17 -27.34 -31.09
N ASN A 351 14.17 -27.83 -30.36
CA ASN A 351 12.94 -28.35 -30.95
C ASN A 351 11.73 -27.49 -30.58
N GLY A 352 11.92 -26.19 -30.45
CA GLY A 352 10.84 -25.31 -30.03
C GLY A 352 10.51 -25.48 -28.56
N GLY A 353 9.48 -24.76 -28.13
CA GLY A 353 9.13 -24.76 -26.73
C GLY A 353 7.67 -24.44 -26.49
N ALA A 354 7.38 -24.08 -25.23
CA ALA A 354 6.01 -23.89 -24.78
C ALA A 354 5.33 -22.71 -25.46
N ILE A 355 6.09 -21.76 -26.02
CA ILE A 355 5.48 -20.64 -26.72
C ILE A 355 4.69 -21.14 -27.93
N ALA A 356 5.20 -22.14 -28.62
CA ALA A 356 4.52 -22.72 -29.77
C ALA A 356 3.62 -23.89 -29.38
N MET A 357 4.13 -24.80 -28.56
CA MET A 357 3.45 -26.06 -28.30
C MET A 357 2.57 -26.05 -27.05
N GLY A 358 2.78 -25.13 -26.13
CA GLY A 358 1.94 -25.00 -24.96
C GLY A 358 2.69 -25.38 -23.69
N HIS A 359 2.07 -25.01 -22.56
CA HIS A 359 2.67 -25.14 -21.24
C HIS A 359 1.66 -25.78 -20.29
N PRO A 360 1.54 -27.11 -20.29
CA PRO A 360 0.74 -27.79 -19.27
C PRO A 360 1.51 -27.81 -17.95
N LEU A 361 0.97 -27.11 -16.94
CA LEU A 361 1.72 -26.77 -15.74
C LEU A 361 2.37 -28.00 -15.11
N GLY A 362 1.55 -28.95 -14.65
CA GLY A 362 2.07 -30.10 -13.92
C GLY A 362 2.90 -31.04 -14.77
N ALA A 363 2.76 -30.98 -16.10
CA ALA A 363 3.41 -31.96 -16.98
C ALA A 363 4.59 -31.41 -17.76
N THR A 364 4.77 -30.09 -17.80
CA THR A 364 5.79 -29.51 -18.67
C THR A 364 7.19 -29.98 -18.29
N GLY A 365 7.46 -30.12 -16.98
CA GLY A 365 8.77 -30.54 -16.55
C GLY A 365 9.18 -31.88 -17.13
N ALA A 366 8.25 -32.84 -17.15
CA ALA A 366 8.54 -34.14 -17.74
C ALA A 366 8.53 -34.11 -19.26
N MET A 367 7.69 -33.24 -19.86
CA MET A 367 7.62 -33.17 -21.31
C MET A 367 8.94 -32.70 -21.91
N ILE A 368 9.44 -31.54 -21.45
CA ILE A 368 10.70 -31.03 -21.98
C ILE A 368 11.86 -31.94 -21.60
N LEU A 369 11.72 -32.74 -20.55
CA LEU A 369 12.73 -33.73 -20.23
C LEU A 369 12.79 -34.81 -21.30
N GLY A 370 11.63 -35.41 -21.62
CA GLY A 370 11.60 -36.41 -22.67
C GLY A 370 12.00 -35.87 -24.03
N THR A 371 11.75 -34.57 -24.26
CA THR A 371 12.20 -33.96 -25.51
C THR A 371 13.72 -34.02 -25.64
N MET A 372 14.44 -33.76 -24.55
CA MET A 372 15.89 -33.81 -24.58
C MET A 372 16.44 -35.23 -24.60
N VAL A 373 15.65 -36.22 -24.20
CA VAL A 373 16.10 -37.61 -24.29
C VAL A 373 16.15 -38.04 -25.74
N ASP A 374 15.13 -37.70 -26.53
CA ASP A 374 15.12 -38.06 -27.94
C ASP A 374 16.15 -37.27 -28.72
N GLU A 375 16.26 -35.97 -28.46
CA GLU A 375 17.20 -35.14 -29.21
C GLU A 375 18.65 -35.48 -28.89
N LEU A 376 18.92 -36.03 -27.70
CA LEU A 376 20.27 -36.51 -27.41
C LEU A 376 20.62 -37.71 -28.27
N GLU A 377 19.64 -38.59 -28.54
CA GLU A 377 19.89 -39.74 -29.39
C GLU A 377 19.90 -39.36 -30.87
N ARG A 378 18.98 -38.47 -31.27
CA ARG A 378 18.92 -38.06 -32.68
C ARG A 378 20.20 -37.37 -33.10
N ARG A 379 20.73 -36.49 -32.25
CA ARG A 379 22.01 -35.84 -32.51
C ARG A 379 23.21 -36.67 -32.06
N ASN A 380 22.96 -37.80 -31.40
CA ASN A 380 24.01 -38.65 -30.83
C ASN A 380 24.92 -37.86 -29.90
N ALA A 381 24.35 -36.86 -29.22
CA ALA A 381 25.09 -36.07 -28.25
C ALA A 381 25.21 -36.84 -26.93
N ARG A 382 25.83 -36.21 -25.94
CA ARG A 382 26.18 -36.90 -24.71
C ARG A 382 25.45 -36.38 -23.47
N ARG A 383 25.30 -35.07 -23.32
CA ARG A 383 24.68 -34.51 -22.12
C ARG A 383 23.62 -33.48 -22.50
N ALA A 384 22.67 -33.28 -21.59
CA ALA A 384 21.62 -32.28 -21.74
C ALA A 384 21.24 -31.76 -20.36
N LEU A 385 20.81 -30.50 -20.32
CA LEU A 385 20.46 -29.83 -19.07
C LEU A 385 19.06 -29.24 -19.19
N ILE A 386 18.25 -29.42 -18.15
CA ILE A 386 16.85 -29.03 -18.14
C ILE A 386 16.58 -28.22 -16.88
N THR A 387 16.06 -27.01 -17.05
CA THR A 387 15.61 -26.19 -15.92
C THR A 387 14.24 -25.59 -16.25
N LEU A 388 13.64 -24.99 -15.23
CA LEU A 388 12.38 -24.27 -15.37
C LEU A 388 12.41 -23.03 -14.49
N CYS A 389 11.49 -22.11 -14.77
CA CYS A 389 11.30 -20.90 -13.97
C CYS A 389 10.04 -21.08 -13.13
N ILE A 390 10.23 -21.29 -11.85
CA ILE A 390 9.15 -21.60 -10.92
C ILE A 390 8.60 -20.30 -10.35
N GLY A 391 7.31 -20.28 -10.04
CA GLY A 391 6.73 -19.17 -9.32
C GLY A 391 7.34 -19.03 -7.95
N GLY A 392 7.14 -17.84 -7.36
CA GLY A 392 7.74 -17.55 -6.07
C GLY A 392 9.25 -17.42 -6.09
N GLY A 393 9.86 -17.31 -7.26
CA GLY A 393 11.29 -17.14 -7.36
C GLY A 393 12.10 -18.40 -7.13
N MET A 394 11.54 -19.57 -7.42
CA MET A 394 12.24 -20.83 -7.24
C MET A 394 12.90 -21.27 -8.54
N GLY A 395 13.81 -22.24 -8.42
CA GLY A 395 14.50 -22.77 -9.56
C GLY A 395 14.91 -24.22 -9.40
N VAL A 396 14.61 -25.04 -10.41
CA VAL A 396 14.97 -26.45 -10.43
C VAL A 396 15.71 -26.73 -11.73
N ALA A 397 16.83 -27.45 -11.64
CA ALA A 397 17.61 -27.79 -12.81
C ALA A 397 18.03 -29.26 -12.73
N THR A 398 18.23 -29.87 -13.89
CA THR A 398 18.55 -31.28 -13.99
C THR A 398 19.49 -31.52 -15.16
N ILE A 399 20.45 -32.43 -14.95
CA ILE A 399 21.38 -32.84 -16.00
C ILE A 399 21.12 -34.32 -16.29
N ILE A 400 20.91 -34.64 -17.56
CA ILE A 400 20.80 -36.03 -18.00
C ILE A 400 21.98 -36.32 -18.94
N GLU A 401 22.31 -37.60 -19.04
CA GLU A 401 23.42 -38.06 -19.86
C GLU A 401 22.97 -39.26 -20.68
N ARG A 402 23.17 -39.20 -21.98
CA ARG A 402 22.75 -40.29 -22.85
C ARG A 402 23.56 -41.55 -22.57
N VAL A 403 22.89 -42.69 -22.60
CA VAL A 403 23.55 -43.96 -22.35
C VAL A 403 23.43 -44.87 -23.58
N SER B 4 -17.76 -12.66 31.06
CA SER B 4 -18.08 -11.61 32.02
C SER B 4 -18.30 -10.27 31.31
N HIS B 5 -18.66 -9.25 32.09
CA HIS B 5 -18.92 -7.93 31.54
C HIS B 5 -18.18 -6.82 32.30
N HIS B 6 -17.32 -7.18 33.24
CA HIS B 6 -16.56 -6.21 34.01
C HIS B 6 -15.07 -6.45 33.80
N HIS B 7 -14.26 -5.45 34.16
CA HIS B 7 -12.82 -5.57 34.01
C HIS B 7 -12.16 -6.31 35.16
N HIS B 8 -12.67 -6.14 36.38
CA HIS B 8 -12.13 -6.85 37.54
C HIS B 8 -12.98 -8.08 37.87
N MET B 17 -13.44 1.14 41.95
CA MET B 17 -14.74 1.69 42.29
C MET B 17 -14.98 3.04 41.58
N PRO B 18 -15.31 2.99 40.30
CA PRO B 18 -15.53 4.21 39.53
C PRO B 18 -16.99 4.66 39.59
N ASP B 19 -17.24 5.82 38.99
CA ASP B 19 -18.57 6.39 38.98
C ASP B 19 -19.49 5.61 38.03
N ASN B 20 -20.77 5.99 38.05
CA ASN B 20 -21.76 5.43 37.14
C ASN B 20 -22.03 6.47 36.06
N THR B 21 -21.75 6.09 34.80
CA THR B 21 -21.87 7.00 33.67
C THR B 21 -23.08 6.69 32.80
N ILE B 22 -24.02 5.88 33.29
CA ILE B 22 -25.21 5.49 32.53
C ILE B 22 -26.41 5.56 33.45
N GLN B 23 -27.48 6.21 32.98
CA GLN B 23 -28.72 6.31 33.73
C GLN B 23 -29.75 5.35 33.15
N TRP B 24 -30.46 4.65 34.04
CA TRP B 24 -31.46 3.68 33.66
C TRP B 24 -32.85 4.32 33.72
N ASP B 25 -33.71 3.95 32.75
CA ASP B 25 -35.06 4.49 32.70
C ASP B 25 -35.90 3.55 31.85
N LYS B 26 -36.89 2.90 32.48
CA LYS B 26 -37.80 2.00 31.80
C LYS B 26 -39.19 2.62 31.75
N ASP B 27 -39.86 2.45 30.61
CA ASP B 27 -41.21 2.97 30.44
C ASP B 27 -42.23 1.88 30.77
N ALA B 28 -43.51 2.14 30.49
CA ALA B 28 -44.56 1.21 30.85
C ALA B 28 -44.59 0.00 29.93
N ASP B 29 -44.13 0.15 28.70
CA ASP B 29 -44.20 -0.92 27.71
C ASP B 29 -43.02 -1.88 27.76
N GLY B 30 -42.00 -1.58 28.57
CA GLY B 30 -40.84 -2.44 28.67
C GLY B 30 -39.74 -2.07 27.69
N ILE B 31 -39.46 -0.77 27.57
CA ILE B 31 -38.43 -0.26 26.66
C ILE B 31 -37.47 0.58 27.51
N VAL B 32 -36.26 0.08 27.68
CA VAL B 32 -35.26 0.74 28.53
C VAL B 32 -34.59 1.85 27.75
N THR B 33 -34.35 2.98 28.43
CA THR B 33 -33.66 4.13 27.85
C THR B 33 -32.34 4.31 28.59
N LEU B 34 -31.27 3.81 28.00
CA LEU B 34 -29.93 3.90 28.59
C LEU B 34 -29.31 5.24 28.18
N THR B 35 -29.49 6.24 29.04
CA THR B 35 -28.92 7.56 28.81
C THR B 35 -27.53 7.62 29.42
N MET B 36 -26.52 7.80 28.57
CA MET B 36 -25.13 7.86 29.01
C MET B 36 -24.78 9.29 29.40
N ASP B 37 -24.37 9.48 30.66
CA ASP B 37 -24.04 10.79 31.19
C ASP B 37 -22.79 10.62 32.06
N ASP B 38 -21.63 10.92 31.50
CA ASP B 38 -20.38 10.76 32.22
C ASP B 38 -20.13 11.99 33.10
N PRO B 39 -20.07 11.84 34.42
CA PRO B 39 -19.87 13.02 35.27
C PRO B 39 -18.48 13.62 35.15
N SER B 40 -17.46 12.81 34.87
CA SER B 40 -16.07 13.24 34.87
C SER B 40 -15.67 14.02 33.62
N GLY B 41 -16.63 14.49 32.82
CA GLY B 41 -16.29 15.23 31.62
C GLY B 41 -17.52 15.75 30.94
N SER B 42 -17.29 16.46 29.83
CA SER B 42 -18.36 17.04 29.04
C SER B 42 -18.82 16.13 27.90
N THR B 43 -18.10 15.05 27.63
CA THR B 43 -18.46 14.11 26.57
C THR B 43 -18.31 12.69 27.09
N ASN B 44 -19.05 11.77 26.47
CA ASN B 44 -19.01 10.36 26.85
C ASN B 44 -17.79 9.71 26.21
N VAL B 45 -16.87 9.22 27.04
CA VAL B 45 -15.65 8.58 26.57
C VAL B 45 -15.65 7.12 27.02
N MET B 46 -14.98 6.28 26.25
CA MET B 46 -14.89 4.85 26.56
C MET B 46 -13.71 4.63 27.50
N ASN B 47 -13.95 4.95 28.77
CA ASN B 47 -12.94 4.84 29.82
C ASN B 47 -13.34 3.73 30.80
N GLU B 48 -12.59 3.62 31.90
CA GLU B 48 -12.89 2.60 32.90
C GLU B 48 -14.22 2.87 33.59
N ALA B 49 -14.60 4.14 33.73
CA ALA B 49 -15.91 4.45 34.29
C ALA B 49 -17.03 3.99 33.37
N TYR B 50 -16.79 3.96 32.06
CA TYR B 50 -17.81 3.49 31.13
C TYR B 50 -17.93 1.97 31.16
N ILE B 51 -16.78 1.27 31.14
CA ILE B 51 -16.80 -0.19 31.10
C ILE B 51 -17.54 -0.74 32.31
N GLU B 52 -17.25 -0.21 33.49
CA GLU B 52 -17.93 -0.66 34.70
C GLU B 52 -19.39 -0.22 34.70
N SER B 53 -19.69 0.97 34.18
CA SER B 53 -21.07 1.44 34.12
C SER B 53 -21.86 0.73 33.03
N MET B 54 -21.21 0.36 31.92
CA MET B 54 -21.89 -0.39 30.87
C MET B 54 -22.04 -1.86 31.26
N GLY B 55 -21.03 -2.42 31.94
CA GLY B 55 -21.14 -3.80 32.38
C GLY B 55 -22.28 -4.02 33.36
N LYS B 56 -22.49 -3.06 34.27
CA LYS B 56 -23.61 -3.16 35.20
C LYS B 56 -24.95 -3.03 34.47
N ALA B 57 -24.98 -2.33 33.34
CA ALA B 57 -26.22 -2.17 32.59
C ALA B 57 -26.50 -3.38 31.69
N VAL B 58 -25.47 -4.02 31.15
CA VAL B 58 -25.67 -5.20 30.33
C VAL B 58 -26.20 -6.35 31.17
N ASP B 59 -25.67 -6.52 32.39
CA ASP B 59 -26.12 -7.60 33.25
C ASP B 59 -27.58 -7.40 33.66
N ARG B 60 -27.99 -6.15 33.85
CA ARG B 60 -29.37 -5.89 34.26
C ARG B 60 -30.36 -6.20 33.14
N LEU B 61 -29.92 -6.16 31.88
CA LEU B 61 -30.80 -6.46 30.77
C LEU B 61 -31.10 -7.95 30.66
N VAL B 62 -30.11 -8.81 30.99
CA VAL B 62 -30.31 -10.24 30.87
C VAL B 62 -31.15 -10.77 32.03
N ALA B 63 -30.94 -10.24 33.23
CA ALA B 63 -31.68 -10.73 34.40
C ALA B 63 -33.15 -10.31 34.35
N GLU B 64 -33.46 -9.22 33.66
CA GLU B 64 -34.82 -8.73 33.54
C GLU B 64 -35.35 -8.82 32.11
N LYS B 65 -34.91 -9.85 31.38
CA LYS B 65 -35.32 -10.01 29.98
C LYS B 65 -36.77 -10.44 29.84
N ASP B 66 -37.38 -10.93 30.92
CA ASP B 66 -38.76 -11.42 30.84
C ASP B 66 -39.78 -10.29 30.72
N SER B 67 -39.41 -9.06 31.10
CA SER B 67 -40.32 -7.92 31.04
C SER B 67 -39.85 -6.83 30.10
N ILE B 68 -38.69 -6.99 29.46
CA ILE B 68 -38.14 -6.00 28.55
C ILE B 68 -38.46 -6.41 27.12
N THR B 69 -38.95 -5.46 26.33
CA THR B 69 -39.28 -5.70 24.92
C THR B 69 -38.38 -4.97 23.95
N GLY B 70 -37.83 -3.81 24.35
CA GLY B 70 -36.95 -3.05 23.48
C GLY B 70 -35.93 -2.27 24.29
N VAL B 71 -34.91 -1.80 23.60
CA VAL B 71 -33.82 -1.04 24.21
C VAL B 71 -33.54 0.19 23.36
N VAL B 72 -33.24 1.31 24.01
CA VAL B 72 -32.89 2.56 23.33
C VAL B 72 -31.65 3.11 24.00
N VAL B 73 -30.60 3.32 23.21
CA VAL B 73 -29.34 3.89 23.68
C VAL B 73 -29.31 5.36 23.32
N ALA B 74 -29.24 6.23 24.33
CA ALA B 74 -29.23 7.66 24.13
C ALA B 74 -28.06 8.28 24.90
N SER B 75 -27.82 9.56 24.64
CA SER B 75 -26.76 10.31 25.29
C SER B 75 -27.33 11.59 25.90
N ALA B 76 -26.67 12.07 26.95
CA ALA B 76 -27.08 13.28 27.63
C ALA B 76 -26.18 14.47 27.37
N LYS B 77 -25.02 14.28 26.76
CA LYS B 77 -24.09 15.36 26.48
C LYS B 77 -24.43 16.00 25.13
N LYS B 78 -23.56 16.87 24.64
CA LYS B 78 -23.73 17.43 23.31
C LYS B 78 -23.53 16.35 22.24
N THR B 79 -22.39 15.69 22.27
CA THR B 79 -22.10 14.60 21.35
C THR B 79 -22.64 13.29 21.89
N PHE B 80 -22.90 12.36 20.97
CA PHE B 80 -23.37 11.02 21.34
C PHE B 80 -22.31 10.29 22.14
N PHE B 81 -21.18 9.98 21.48
CA PHE B 81 -20.09 9.25 22.11
C PHE B 81 -18.86 9.39 21.23
N ALA B 82 -17.70 9.75 21.79
CA ALA B 82 -16.54 10.07 20.98
C ALA B 82 -15.30 9.40 21.54
N GLY B 83 -14.56 8.70 20.69
CA GLY B 83 -13.23 8.22 21.02
C GLY B 83 -13.13 7.32 22.24
N GLY B 84 -11.90 7.15 22.73
CA GLY B 84 -11.66 6.38 23.94
C GLY B 84 -10.61 7.03 24.81
N ASP B 85 -10.13 6.30 25.82
CA ASP B 85 -9.14 6.83 26.75
C ASP B 85 -7.77 6.81 26.07
N VAL B 86 -7.38 7.94 25.49
CA VAL B 86 -6.09 8.02 24.81
C VAL B 86 -4.95 8.05 25.81
N LYS B 87 -5.17 8.65 26.99
CA LYS B 87 -4.14 8.71 28.01
C LYS B 87 -3.70 7.31 28.45
N THR B 88 -4.59 6.33 28.36
CA THR B 88 -4.26 4.96 28.74
C THR B 88 -3.60 4.21 27.57
N MET B 89 -4.15 4.37 26.37
CA MET B 89 -3.64 3.62 25.22
C MET B 89 -2.21 4.02 24.88
N ILE B 90 -1.84 5.28 25.16
CA ILE B 90 -0.49 5.73 24.83
C ILE B 90 0.55 5.18 25.80
N GLN B 91 0.15 4.76 26.99
CA GLN B 91 1.07 4.21 27.98
C GLN B 91 1.23 2.70 27.87
N ALA B 92 0.57 2.06 26.91
CA ALA B 92 0.58 0.60 26.81
C ALA B 92 1.92 0.12 26.25
N ARG B 93 2.71 -0.51 27.11
CA ARG B 93 3.99 -1.08 26.71
C ARG B 93 3.76 -2.40 25.99
N PRO B 94 4.79 -2.93 25.32
CA PRO B 94 4.64 -4.25 24.67
C PRO B 94 4.32 -5.37 25.64
N GLU B 95 4.72 -5.25 26.91
CA GLU B 95 4.42 -6.26 27.91
C GLU B 95 2.99 -6.18 28.43
N ASP B 96 2.24 -5.14 28.06
CA ASP B 96 0.86 -4.98 28.47
C ASP B 96 -0.12 -5.46 27.41
N ALA B 97 0.33 -6.32 26.50
CA ALA B 97 -0.56 -6.79 25.43
C ALA B 97 -1.70 -7.65 25.97
N GLY B 98 -1.48 -8.35 27.08
CA GLY B 98 -2.55 -9.15 27.66
C GLY B 98 -3.70 -8.31 28.18
N ASP B 99 -3.37 -7.18 28.82
CA ASP B 99 -4.43 -6.34 29.40
C ASP B 99 -5.22 -5.62 28.32
N VAL B 100 -4.55 -5.14 27.28
CA VAL B 100 -5.25 -4.46 26.20
C VAL B 100 -6.19 -5.42 25.47
N PHE B 101 -5.75 -6.66 25.26
CA PHE B 101 -6.60 -7.65 24.64
C PHE B 101 -7.83 -7.94 25.50
N ASN B 102 -7.63 -8.13 26.81
CA ASN B 102 -8.75 -8.43 27.69
C ASN B 102 -9.73 -7.26 27.77
N THR B 103 -9.23 -6.03 27.67
CA THR B 103 -10.12 -4.87 27.80
C THR B 103 -11.05 -4.74 26.60
N VAL B 104 -10.52 -4.90 25.39
CA VAL B 104 -11.37 -4.80 24.20
C VAL B 104 -12.28 -6.01 24.08
N GLU B 105 -11.81 -7.18 24.54
CA GLU B 105 -12.68 -8.35 24.57
C GLU B 105 -13.83 -8.15 25.56
N THR B 106 -13.56 -7.47 26.67
CA THR B 106 -14.62 -7.16 27.62
C THR B 106 -15.63 -6.19 27.02
N ILE B 107 -15.16 -5.20 26.27
CA ILE B 107 -16.06 -4.21 25.69
C ILE B 107 -16.91 -4.84 24.59
N LYS B 108 -16.29 -5.64 23.72
CA LYS B 108 -17.05 -6.28 22.65
C LYS B 108 -17.99 -7.35 23.18
N ARG B 109 -17.64 -7.99 24.31
CA ARG B 109 -18.55 -8.95 24.90
C ARG B 109 -19.82 -8.29 25.41
N GLN B 110 -19.71 -7.04 25.91
CA GLN B 110 -20.90 -6.29 26.28
C GLN B 110 -21.77 -6.01 25.06
N LEU B 111 -21.14 -5.58 23.96
CA LEU B 111 -21.90 -5.28 22.74
C LEU B 111 -22.48 -6.56 22.14
N ARG B 112 -21.73 -7.68 22.22
CA ARG B 112 -22.22 -8.92 21.65
C ARG B 112 -23.45 -9.43 22.40
N THR B 113 -23.45 -9.28 23.73
CA THR B 113 -24.64 -9.64 24.50
C THR B 113 -25.80 -8.72 24.19
N LEU B 114 -25.52 -7.44 24.00
CA LEU B 114 -26.57 -6.49 23.60
C LEU B 114 -27.12 -6.84 22.22
N GLU B 115 -26.27 -7.35 21.32
CA GLU B 115 -26.75 -7.80 20.02
C GLU B 115 -27.69 -9.00 20.16
N THR B 116 -27.16 -10.10 20.67
CA THR B 116 -27.90 -11.35 20.78
C THR B 116 -28.84 -11.33 21.99
N LEU B 117 -29.62 -10.26 22.14
CA LEU B 117 -30.58 -10.14 23.22
C LEU B 117 -31.98 -10.59 22.81
N GLY B 118 -32.21 -10.84 21.52
CA GLY B 118 -33.52 -11.21 21.06
C GLY B 118 -34.56 -10.12 21.17
N LYS B 119 -34.14 -8.87 21.30
CA LYS B 119 -35.02 -7.73 21.45
C LYS B 119 -34.48 -6.58 20.61
N PRO B 120 -35.35 -5.80 19.98
CA PRO B 120 -34.87 -4.69 19.15
C PRO B 120 -34.13 -3.65 19.97
N VAL B 121 -32.98 -3.21 19.46
CA VAL B 121 -32.15 -2.20 20.11
C VAL B 121 -31.90 -1.09 19.11
N VAL B 122 -32.24 0.14 19.49
CA VAL B 122 -32.12 1.30 18.63
C VAL B 122 -31.17 2.31 19.28
N ALA B 123 -30.40 3.00 18.46
CA ALA B 123 -29.48 4.03 18.90
C ALA B 123 -29.97 5.40 18.46
N ALA B 124 -29.96 6.37 19.37
CA ALA B 124 -30.37 7.74 19.10
C ALA B 124 -29.13 8.61 19.11
N ILE B 125 -28.58 8.88 17.93
CA ILE B 125 -27.33 9.62 17.79
C ILE B 125 -27.69 11.10 17.69
N ASN B 126 -27.52 11.82 18.81
CA ASN B 126 -27.84 13.24 18.83
C ASN B 126 -26.70 14.08 18.26
N GLY B 127 -25.46 13.75 18.61
CA GLY B 127 -24.30 14.51 18.18
C GLY B 127 -23.29 13.60 17.49
N ALA B 128 -22.01 13.88 17.76
CA ALA B 128 -20.93 13.16 17.11
C ALA B 128 -20.82 11.73 17.65
N ALA B 129 -20.54 10.79 16.75
CA ALA B 129 -20.32 9.38 17.10
C ALA B 129 -19.03 8.95 16.39
N LEU B 130 -17.90 9.21 17.05
CA LEU B 130 -16.59 8.96 16.47
C LEU B 130 -15.83 7.94 17.31
N GLY B 131 -14.98 7.17 16.65
CA GLY B 131 -14.18 6.18 17.35
C GLY B 131 -15.05 5.10 17.95
N GLY B 132 -14.84 4.84 19.25
CA GLY B 132 -15.66 3.86 19.95
C GLY B 132 -17.12 4.23 20.01
N GLY B 133 -17.45 5.51 19.81
CA GLY B 133 -18.84 5.92 19.87
C GLY B 133 -19.68 5.30 18.76
N LEU B 134 -19.17 5.34 17.53
CA LEU B 134 -19.87 4.69 16.42
C LEU B 134 -19.89 3.18 16.60
N GLU B 135 -18.87 2.62 17.24
CA GLU B 135 -18.82 1.17 17.45
C GLU B 135 -19.95 0.70 18.35
N ILE B 136 -20.44 1.55 19.24
CA ILE B 136 -21.60 1.20 20.06
C ILE B 136 -22.87 1.23 19.23
N ALA B 137 -22.99 2.22 18.34
CA ALA B 137 -24.17 2.31 17.49
C ALA B 137 -24.27 1.16 16.51
N LEU B 138 -23.13 0.63 16.07
CA LEU B 138 -23.14 -0.51 15.14
C LEU B 138 -23.60 -1.79 15.81
N ALA B 139 -23.57 -1.86 17.14
CA ALA B 139 -24.06 -3.02 17.86
C ALA B 139 -25.57 -3.02 18.02
N CYS B 140 -26.25 -1.96 17.58
CA CYS B 140 -27.70 -1.89 17.63
C CYS B 140 -28.30 -2.37 16.31
N HIS B 141 -29.57 -2.78 16.38
CA HIS B 141 -30.27 -3.28 15.19
C HIS B 141 -30.89 -2.17 14.35
N HIS B 142 -30.84 -0.93 14.82
CA HIS B 142 -31.38 0.21 14.09
C HIS B 142 -30.73 1.48 14.63
N ARG B 143 -30.46 2.42 13.73
CA ARG B 143 -29.77 3.65 14.10
C ARG B 143 -30.54 4.86 13.56
N ILE B 144 -30.88 5.78 14.44
CA ILE B 144 -31.57 7.02 14.09
C ILE B 144 -30.73 8.18 14.58
N ALA B 145 -30.30 9.04 13.66
CA ALA B 145 -29.46 10.18 13.96
C ALA B 145 -30.18 11.48 13.65
N ALA B 146 -29.74 12.55 14.29
CA ALA B 146 -30.30 13.88 14.10
C ALA B 146 -29.39 14.70 13.21
N ASP B 147 -29.97 15.39 12.23
CA ASP B 147 -29.21 16.19 11.27
C ASP B 147 -28.96 17.56 11.90
N VAL B 148 -27.79 17.74 12.50
CA VAL B 148 -27.39 18.99 13.13
C VAL B 148 -25.98 19.33 12.67
N LYS B 149 -25.73 20.61 12.42
CA LYS B 149 -24.41 21.07 11.99
C LYS B 149 -23.36 20.76 13.04
N GLY B 150 -22.44 19.85 12.73
CA GLY B 150 -21.42 19.39 13.66
C GLY B 150 -21.50 17.93 14.02
N SER B 151 -22.55 17.22 13.63
CA SER B 151 -22.67 15.80 13.91
C SER B 151 -21.86 15.00 12.89
N GLN B 152 -20.83 14.30 13.37
CA GLN B 152 -19.99 13.48 12.52
C GLN B 152 -20.03 12.04 13.00
N LEU B 153 -20.00 11.10 12.05
CA LEU B 153 -20.12 9.68 12.35
C LEU B 153 -19.08 8.93 11.53
N GLY B 154 -18.01 8.48 12.18
CA GLY B 154 -16.96 7.77 11.47
C GLY B 154 -16.09 6.99 12.44
N LEU B 155 -15.07 6.33 11.86
CA LEU B 155 -14.13 5.51 12.62
C LEU B 155 -12.72 5.99 12.31
N PRO B 156 -12.26 7.05 12.96
CA PRO B 156 -10.93 7.59 12.65
C PRO B 156 -9.81 7.02 13.50
N GLU B 157 -9.92 5.73 13.88
CA GLU B 157 -8.85 5.11 14.66
C GLU B 157 -7.57 4.96 13.86
N VAL B 158 -7.68 4.83 12.53
CA VAL B 158 -6.49 4.66 11.70
C VAL B 158 -5.65 5.92 11.71
N THR B 159 -6.25 7.08 11.94
CA THR B 159 -5.50 8.33 11.96
C THR B 159 -4.56 8.42 13.15
N LEU B 160 -4.76 7.58 14.18
CA LEU B 160 -3.91 7.56 15.36
C LEU B 160 -3.03 6.31 15.41
N GLY B 161 -2.89 5.60 14.28
CA GLY B 161 -2.16 4.37 14.27
C GLY B 161 -2.88 3.18 14.88
N LEU B 162 -4.17 3.33 15.18
CA LEU B 162 -4.98 2.28 15.78
C LEU B 162 -5.98 1.77 14.74
N LEU B 163 -6.90 0.92 15.19
CA LEU B 163 -7.98 0.41 14.37
C LEU B 163 -9.23 0.32 15.23
N PRO B 164 -10.42 0.34 14.63
CA PRO B 164 -11.65 0.18 15.42
C PRO B 164 -11.73 -1.17 16.10
N GLY B 165 -11.48 -1.20 17.42
CA GLY B 165 -11.40 -2.43 18.15
C GLY B 165 -12.71 -2.91 18.77
N GLY B 166 -13.69 -2.01 18.89
CA GLY B 166 -14.96 -2.37 19.48
C GLY B 166 -15.93 -2.98 18.48
N GLY B 167 -15.45 -3.93 17.68
CA GLY B 167 -16.26 -4.55 16.66
C GLY B 167 -16.48 -3.72 15.43
N GLY B 168 -15.78 -2.60 15.29
CA GLY B 168 -15.97 -1.75 14.12
C GLY B 168 -15.61 -2.45 12.83
N VAL B 169 -14.39 -3.01 12.76
CA VAL B 169 -13.96 -3.71 11.55
C VAL B 169 -14.87 -4.90 11.29
N THR B 170 -15.17 -5.68 12.33
CA THR B 170 -15.95 -6.90 12.16
C THR B 170 -17.37 -6.59 11.66
N ARG B 171 -18.03 -5.61 12.28
CA ARG B 171 -19.41 -5.31 11.91
C ARG B 171 -19.52 -4.52 10.61
N THR B 172 -18.56 -3.64 10.33
CA THR B 172 -18.62 -2.87 9.08
C THR B 172 -18.45 -3.80 7.88
N VAL B 173 -17.48 -4.71 7.94
CA VAL B 173 -17.30 -5.70 6.88
C VAL B 173 -18.55 -6.58 6.75
N ARG B 174 -19.22 -6.85 7.88
CA ARG B 174 -20.44 -7.65 7.83
C ARG B 174 -21.58 -6.90 7.15
N MET B 175 -21.57 -5.57 7.19
CA MET B 175 -22.64 -4.78 6.62
C MET B 175 -22.43 -4.47 5.14
N PHE B 176 -21.19 -4.17 4.74
CA PHE B 176 -20.89 -3.70 3.40
C PHE B 176 -19.98 -4.62 2.61
N GLY B 177 -19.34 -5.60 3.24
CA GLY B 177 -18.33 -6.40 2.59
C GLY B 177 -16.93 -5.85 2.80
N ILE B 178 -15.94 -6.64 2.38
CA ILE B 178 -14.55 -6.27 2.63
C ILE B 178 -14.18 -5.00 1.87
N GLN B 179 -14.54 -4.94 0.59
CA GLN B 179 -14.09 -3.82 -0.25
C GLN B 179 -14.75 -2.52 0.16
N ASN B 180 -16.09 -2.49 0.20
CA ASN B 180 -16.81 -1.25 0.48
C ASN B 180 -16.50 -0.73 1.88
N ALA B 181 -16.32 -1.62 2.86
CA ALA B 181 -16.05 -1.18 4.22
C ALA B 181 -14.63 -0.67 4.37
N PHE B 182 -13.64 -1.38 3.81
CA PHE B 182 -12.26 -0.94 3.94
C PHE B 182 -12.01 0.35 3.18
N VAL B 183 -12.55 0.45 1.96
CA VAL B 183 -12.26 1.61 1.11
C VAL B 183 -12.90 2.86 1.69
N SER B 184 -14.18 2.78 2.06
CA SER B 184 -14.95 3.99 2.36
C SER B 184 -14.94 4.36 3.84
N VAL B 185 -14.76 3.40 4.76
CA VAL B 185 -14.98 3.63 6.17
C VAL B 185 -13.72 3.40 6.99
N LEU B 186 -12.98 2.33 6.71
CA LEU B 186 -11.95 1.88 7.64
C LEU B 186 -10.55 2.40 7.32
N ALA B 187 -10.17 2.47 6.05
CA ALA B 187 -8.77 2.69 5.71
C ALA B 187 -8.30 4.11 6.04
N GLN B 188 -9.15 5.11 5.83
CA GLN B 188 -8.75 6.50 5.97
C GLN B 188 -9.41 7.21 7.15
N GLY B 189 -10.28 6.53 7.89
CA GLY B 189 -10.94 7.15 9.02
C GLY B 189 -11.82 8.31 8.61
N THR B 190 -12.71 8.06 7.64
CA THR B 190 -13.55 9.11 7.08
C THR B 190 -14.69 9.46 8.02
N ARG B 191 -14.93 10.76 8.20
CA ARG B 191 -16.05 11.26 8.97
C ARG B 191 -17.16 11.69 8.02
N PHE B 192 -18.40 11.41 8.41
CA PHE B 192 -19.55 11.63 7.53
C PHE B 192 -20.56 12.55 8.20
N LYS B 193 -21.23 13.36 7.38
CA LYS B 193 -22.37 14.13 7.83
C LYS B 193 -23.56 13.19 8.03
N PRO B 194 -24.56 13.60 8.82
CA PRO B 194 -25.72 12.73 9.03
C PRO B 194 -26.46 12.37 7.76
N ALA B 195 -26.39 13.22 6.72
CA ALA B 195 -27.03 12.90 5.45
C ALA B 195 -26.23 11.88 4.65
N LYS B 196 -24.90 11.99 4.67
CA LYS B 196 -24.07 11.04 3.95
C LYS B 196 -24.04 9.68 4.63
N ALA B 197 -24.15 9.65 5.96
CA ALA B 197 -24.11 8.38 6.68
C ALA B 197 -25.29 7.50 6.32
N LYS B 198 -26.49 8.09 6.22
CA LYS B 198 -27.65 7.33 5.78
C LYS B 198 -27.52 6.87 4.34
N GLU B 199 -26.81 7.64 3.51
CA GLU B 199 -26.70 7.32 2.10
C GLU B 199 -25.83 6.10 1.85
N ILE B 200 -24.91 5.80 2.77
CA ILE B 200 -24.01 4.65 2.62
C ILE B 200 -24.42 3.45 3.46
N GLY B 201 -25.36 3.62 4.39
CA GLY B 201 -25.89 2.51 5.15
C GLY B 201 -25.55 2.52 6.63
N LEU B 202 -24.68 3.42 7.08
CA LEU B 202 -24.35 3.48 8.51
C LEU B 202 -25.58 3.80 9.34
N VAL B 203 -26.27 4.88 9.01
CA VAL B 203 -27.51 5.26 9.67
C VAL B 203 -28.67 4.80 8.80
N ASP B 204 -29.76 4.38 9.45
CA ASP B 204 -30.93 3.87 8.75
C ASP B 204 -32.00 4.93 8.53
N GLU B 205 -32.25 5.80 9.50
CA GLU B 205 -33.27 6.83 9.38
C GLU B 205 -32.76 8.10 10.05
N LEU B 206 -33.30 9.24 9.60
CA LEU B 206 -32.93 10.55 10.11
C LEU B 206 -34.16 11.28 10.66
N VAL B 207 -33.91 12.30 11.47
CA VAL B 207 -34.95 13.15 12.03
C VAL B 207 -34.47 14.60 11.93
N ALA B 208 -35.39 15.53 12.22
CA ALA B 208 -35.07 16.95 12.11
C ALA B 208 -34.29 17.44 13.32
N THR B 209 -34.87 17.32 14.51
CA THR B 209 -34.27 17.81 15.74
C THR B 209 -33.97 16.64 16.68
N VAL B 210 -33.15 16.92 17.70
CA VAL B 210 -32.80 15.90 18.67
C VAL B 210 -33.97 15.53 19.56
N GLU B 211 -34.97 16.41 19.67
CA GLU B 211 -36.14 16.11 20.48
C GLU B 211 -37.02 15.03 19.87
N GLU B 212 -36.84 14.73 18.58
CA GLU B 212 -37.61 13.68 17.92
C GLU B 212 -36.93 12.32 17.98
N LEU B 213 -35.71 12.23 18.51
CA LEU B 213 -34.95 10.99 18.50
C LEU B 213 -35.59 9.92 19.38
N VAL B 214 -35.61 10.16 20.70
CA VAL B 214 -36.10 9.14 21.62
C VAL B 214 -37.55 8.76 21.36
N PRO B 215 -38.49 9.70 21.13
CA PRO B 215 -39.86 9.27 20.81
C PRO B 215 -39.98 8.46 19.54
N ALA B 216 -39.12 8.70 18.55
CA ALA B 216 -39.21 7.95 17.30
C ALA B 216 -38.51 6.61 17.38
N ALA B 217 -37.44 6.50 18.16
CA ALA B 217 -36.76 5.22 18.31
C ALA B 217 -37.67 4.19 18.97
N LYS B 218 -38.47 4.62 19.95
CA LYS B 218 -39.40 3.70 20.60
C LYS B 218 -40.54 3.32 19.66
N ALA B 219 -41.02 4.26 18.85
CA ALA B 219 -42.09 3.95 17.90
C ALA B 219 -41.63 2.94 16.86
N TRP B 220 -40.34 2.92 16.54
CA TRP B 220 -39.82 1.93 15.60
C TRP B 220 -39.76 0.55 16.25
N ILE B 221 -39.63 0.48 17.57
CA ILE B 221 -39.57 -0.80 18.25
C ILE B 221 -40.94 -1.47 18.26
N LYS B 222 -41.99 -0.70 18.58
CA LYS B 222 -43.34 -1.24 18.52
C LYS B 222 -43.70 -1.66 17.10
N GLU B 223 -43.22 -0.91 16.11
CA GLU B 223 -43.39 -1.33 14.73
C GLU B 223 -42.64 -2.62 14.44
N GLU B 224 -41.39 -2.69 14.90
CA GLU B 224 -40.58 -3.89 14.66
C GLU B 224 -41.18 -5.11 15.35
N LEU B 225 -41.64 -4.95 16.59
CA LEU B 225 -42.18 -6.10 17.33
C LEU B 225 -43.50 -6.57 16.74
N LYS B 226 -44.32 -5.66 16.20
CA LYS B 226 -45.62 -6.06 15.68
C LYS B 226 -45.51 -6.56 14.24
N ALA B 227 -44.64 -5.96 13.43
CA ALA B 227 -44.51 -6.35 12.03
C ALA B 227 -43.54 -7.51 11.84
N ASN B 228 -42.34 -7.42 12.43
CA ASN B 228 -41.30 -8.44 12.29
C ASN B 228 -40.99 -8.99 13.67
N PRO B 229 -41.84 -9.86 14.21
CA PRO B 229 -41.60 -10.36 15.58
C PRO B 229 -40.43 -11.31 15.67
N ASP B 230 -40.17 -12.12 14.65
CA ASP B 230 -39.07 -13.08 14.70
C ASP B 230 -37.72 -12.39 14.52
N GLY B 231 -37.57 -11.62 13.44
CA GLY B 231 -36.35 -10.88 13.21
C GLY B 231 -36.10 -9.75 14.18
N ALA B 232 -37.01 -9.51 15.12
CA ALA B 232 -36.84 -8.45 16.10
C ALA B 232 -35.61 -8.70 16.96
N GLY B 233 -34.61 -7.82 16.86
CA GLY B 233 -33.41 -7.96 17.66
C GLY B 233 -32.43 -9.00 17.16
N VAL B 234 -32.42 -9.26 15.85
CA VAL B 234 -31.49 -10.21 15.25
C VAL B 234 -30.80 -9.51 14.08
N GLN B 235 -29.46 -9.44 14.14
CA GLN B 235 -28.71 -8.84 13.06
C GLN B 235 -28.74 -9.72 11.82
N PRO B 236 -28.53 -9.13 10.64
CA PRO B 236 -28.56 -9.95 9.41
C PRO B 236 -27.51 -11.05 9.39
N TRP B 237 -26.34 -10.83 9.98
CA TRP B 237 -25.31 -11.86 10.01
C TRP B 237 -25.54 -12.91 11.10
N ASP B 238 -26.54 -12.70 11.97
CA ASP B 238 -26.93 -13.70 12.95
C ASP B 238 -28.00 -14.65 12.42
N LYS B 239 -28.51 -14.41 11.21
CA LYS B 239 -29.51 -15.26 10.60
C LYS B 239 -28.85 -16.40 9.83
N LYS B 240 -29.67 -17.39 9.46
CA LYS B 240 -29.14 -18.57 8.78
C LYS B 240 -28.65 -18.23 7.38
N GLY B 241 -29.55 -17.78 6.51
CA GLY B 241 -29.20 -17.51 5.13
C GLY B 241 -28.59 -16.15 4.90
N TYR B 242 -27.53 -15.83 5.64
CA TYR B 242 -26.83 -14.57 5.46
C TYR B 242 -25.73 -14.71 4.41
N LYS B 243 -25.62 -13.71 3.54
CA LYS B 243 -24.60 -13.67 2.50
C LYS B 243 -23.92 -12.32 2.54
N MET B 244 -22.60 -12.33 2.68
CA MET B 244 -21.84 -11.09 2.81
C MET B 244 -21.87 -10.32 1.50
N PRO B 245 -22.13 -9.01 1.52
CA PRO B 245 -22.12 -8.23 0.28
C PRO B 245 -20.73 -8.26 -0.37
N GLY B 246 -20.71 -8.61 -1.65
CA GLY B 246 -19.46 -8.79 -2.36
C GLY B 246 -18.82 -10.15 -2.21
N GLY B 247 -19.30 -10.97 -1.28
CA GLY B 247 -18.83 -12.32 -1.12
C GLY B 247 -17.72 -12.45 -0.09
N THR B 248 -17.43 -13.71 0.25
CA THR B 248 -16.38 -14.10 1.17
C THR B 248 -15.12 -14.46 0.40
N PRO B 249 -13.95 -14.53 1.07
CA PRO B 249 -12.70 -14.82 0.34
C PRO B 249 -12.67 -16.16 -0.38
N SER B 250 -13.73 -16.96 -0.26
CA SER B 250 -13.81 -18.23 -0.96
C SER B 250 -14.70 -18.18 -2.20
N SER B 251 -15.66 -17.27 -2.25
CA SER B 251 -16.52 -17.16 -3.43
C SER B 251 -15.71 -16.65 -4.62
N PRO B 252 -16.09 -17.05 -5.84
CA PRO B 252 -15.26 -16.71 -7.01
C PRO B 252 -15.24 -15.21 -7.31
N GLY B 253 -16.31 -14.49 -6.99
CA GLY B 253 -16.35 -13.07 -7.33
C GLY B 253 -15.26 -12.27 -6.63
N LEU B 254 -15.09 -12.51 -5.33
CA LEU B 254 -14.09 -11.75 -4.56
C LEU B 254 -12.70 -12.36 -4.68
N ALA B 255 -12.60 -13.68 -4.81
CA ALA B 255 -11.29 -14.33 -4.85
C ALA B 255 -10.49 -13.94 -6.08
N ALA B 256 -11.12 -13.35 -7.09
CA ALA B 256 -10.39 -12.93 -8.28
C ALA B 256 -9.67 -11.60 -8.05
N ILE B 257 -10.32 -10.66 -7.38
CA ILE B 257 -9.76 -9.34 -7.13
C ILE B 257 -9.11 -9.23 -5.75
N LEU B 258 -9.22 -10.27 -4.92
CA LEU B 258 -8.58 -10.25 -3.61
C LEU B 258 -7.06 -10.09 -3.68
N PRO B 259 -6.33 -10.69 -4.63
CA PRO B 259 -4.89 -10.43 -4.70
C PRO B 259 -4.53 -8.97 -4.94
N SER B 260 -5.43 -8.17 -5.50
CA SER B 260 -5.14 -6.77 -5.76
C SER B 260 -5.46 -5.87 -4.58
N PHE B 261 -6.04 -6.39 -3.50
CA PHE B 261 -6.34 -5.54 -2.35
C PHE B 261 -5.06 -5.10 -1.64
N PRO B 262 -4.12 -5.98 -1.28
CA PRO B 262 -2.87 -5.47 -0.67
C PRO B 262 -2.02 -4.68 -1.64
N SER B 263 -2.10 -4.96 -2.94
CA SER B 263 -1.29 -4.23 -3.91
C SER B 263 -1.77 -2.79 -4.06
N ASN B 264 -3.09 -2.60 -4.21
CA ASN B 264 -3.63 -1.25 -4.32
C ASN B 264 -3.41 -0.45 -3.04
N LEU B 265 -3.42 -1.12 -1.88
CA LEU B 265 -3.14 -0.42 -0.63
C LEU B 265 -1.70 0.07 -0.58
N ARG B 266 -0.76 -0.73 -1.10
CA ARG B 266 0.63 -0.30 -1.13
C ARG B 266 0.85 0.80 -2.16
N LYS B 267 0.01 0.86 -3.19
CA LYS B 267 0.06 1.98 -4.12
C LYS B 267 -0.34 3.28 -3.43
N GLN B 268 -1.29 3.21 -2.51
CA GLN B 268 -1.75 4.41 -1.81
C GLN B 268 -0.74 4.86 -0.77
N LEU B 269 -0.15 3.93 -0.02
CA LEU B 269 0.80 4.28 1.03
C LEU B 269 2.22 4.49 0.52
N LYS B 270 2.47 4.20 -0.76
CA LYS B 270 3.79 4.38 -1.38
C LYS B 270 4.88 3.58 -0.67
N GLY B 271 4.53 2.50 0.01
CA GLY B 271 5.51 1.75 0.77
C GLY B 271 5.89 2.37 2.11
N ALA B 272 5.15 3.37 2.58
CA ALA B 272 5.47 4.00 3.84
C ALA B 272 5.23 3.02 4.99
N PRO B 273 6.05 3.06 6.04
CA PRO B 273 5.87 2.13 7.18
C PRO B 273 4.72 2.55 8.09
N MET B 274 3.50 2.31 7.61
CA MET B 274 2.28 2.53 8.40
C MET B 274 1.57 1.20 8.59
N PRO B 275 1.75 0.53 9.72
CA PRO B 275 1.12 -0.78 9.91
C PRO B 275 -0.37 -0.74 10.20
N ALA B 276 -0.94 0.45 10.47
CA ALA B 276 -2.36 0.51 10.79
C ALA B 276 -3.25 0.13 9.62
N PRO B 277 -3.09 0.70 8.41
CA PRO B 277 -3.96 0.27 7.30
C PRO B 277 -3.74 -1.17 6.89
N ARG B 278 -2.52 -1.70 7.04
CA ARG B 278 -2.28 -3.10 6.74
C ARG B 278 -3.01 -4.01 7.72
N ALA B 279 -2.98 -3.65 9.01
CA ALA B 279 -3.65 -4.46 10.03
C ALA B 279 -5.16 -4.44 9.85
N ILE B 280 -5.72 -3.34 9.37
CA ILE B 280 -7.17 -3.26 9.16
C ILE B 280 -7.59 -4.20 8.05
N LEU B 281 -6.81 -4.25 6.95
CA LEU B 281 -7.19 -5.09 5.82
C LEU B 281 -7.11 -6.57 6.18
N ALA B 282 -6.11 -6.97 6.95
CA ALA B 282 -5.99 -8.37 7.36
C ALA B 282 -7.15 -8.78 8.26
N ALA B 283 -7.44 -7.98 9.29
CA ALA B 283 -8.55 -8.27 10.17
C ALA B 283 -9.87 -8.32 9.41
N ALA B 284 -10.03 -7.45 8.41
CA ALA B 284 -11.25 -7.42 7.62
C ALA B 284 -11.41 -8.72 6.84
N VAL B 285 -10.34 -9.19 6.20
CA VAL B 285 -10.43 -10.38 5.35
C VAL B 285 -10.41 -11.64 6.21
N GLU B 286 -9.47 -11.73 7.14
CA GLU B 286 -9.42 -12.90 8.02
C GLU B 286 -10.69 -13.02 8.85
N GLY B 287 -11.31 -11.89 9.20
CA GLY B 287 -12.57 -11.94 9.93
C GLY B 287 -13.72 -12.47 9.10
N ALA B 288 -13.69 -12.25 7.79
CA ALA B 288 -14.76 -12.71 6.91
C ALA B 288 -14.70 -14.20 6.65
N GLN B 289 -13.55 -14.84 6.92
CA GLN B 289 -13.41 -16.27 6.68
C GLN B 289 -13.97 -17.14 7.81
N VAL B 290 -14.33 -16.54 8.95
CA VAL B 290 -14.84 -17.29 10.09
C VAL B 290 -16.14 -16.68 10.57
N ASP B 291 -16.65 -17.16 11.70
CA ASP B 291 -17.90 -16.64 12.24
C ASP B 291 -17.64 -15.28 12.91
N PHE B 292 -18.69 -14.74 13.54
CA PHE B 292 -18.61 -13.39 14.09
C PHE B 292 -17.74 -13.36 15.35
N ASP B 293 -17.95 -14.31 16.26
CA ASP B 293 -17.19 -14.31 17.51
C ASP B 293 -15.71 -14.53 17.26
N THR B 294 -15.37 -15.44 16.33
CA THR B 294 -13.96 -15.63 15.99
C THR B 294 -13.41 -14.41 15.25
N ALA B 295 -14.24 -13.73 14.46
CA ALA B 295 -13.79 -12.52 13.79
C ALA B 295 -13.50 -11.41 14.80
N SER B 296 -14.32 -11.29 15.84
CA SER B 296 -14.09 -10.28 16.86
C SER B 296 -12.78 -10.55 17.60
N ARG B 297 -12.52 -11.80 17.96
CA ARG B 297 -11.27 -12.13 18.64
C ARG B 297 -10.06 -11.86 17.75
N ILE B 298 -10.16 -12.20 16.46
CA ILE B 298 -9.08 -11.87 15.52
C ILE B 298 -8.88 -10.36 15.45
N GLU B 299 -9.98 -9.61 15.41
CA GLU B 299 -9.90 -8.14 15.39
C GLU B 299 -9.16 -7.62 16.61
N SER B 300 -9.38 -8.25 17.77
CA SER B 300 -8.73 -7.80 19.00
C SER B 300 -7.22 -8.05 18.97
N ARG B 301 -6.77 -9.13 18.34
CA ARG B 301 -5.35 -9.40 18.28
C ARG B 301 -4.61 -8.33 17.49
N TYR B 302 -5.20 -7.88 16.38
CA TYR B 302 -4.56 -6.85 15.57
C TYR B 302 -4.58 -5.49 16.26
N PHE B 303 -5.67 -5.18 16.97
CA PHE B 303 -5.73 -3.93 17.70
C PHE B 303 -4.68 -3.88 18.80
N ALA B 304 -4.47 -4.99 19.50
CA ALA B 304 -3.44 -5.03 20.52
C ALA B 304 -2.04 -4.88 19.93
N SER B 305 -1.86 -5.31 18.67
CA SER B 305 -0.55 -5.19 18.04
C SER B 305 -0.22 -3.75 17.67
N LEU B 306 -1.24 -2.94 17.38
CA LEU B 306 -1.00 -1.54 17.03
C LEU B 306 -0.73 -0.70 18.27
N VAL B 307 -1.55 -0.86 19.32
CA VAL B 307 -1.40 -0.03 20.51
C VAL B 307 -0.04 -0.25 21.16
N THR B 308 0.43 -1.48 21.20
CA THR B 308 1.74 -1.77 21.79
C THR B 308 2.89 -1.37 20.88
N GLY B 309 2.61 -0.92 19.65
CA GLY B 309 3.65 -0.53 18.73
C GLY B 309 4.17 0.87 19.00
N GLN B 310 5.18 1.25 18.22
CA GLN B 310 5.78 2.57 18.34
C GLN B 310 5.11 3.59 17.43
N VAL B 311 4.71 3.19 16.24
CA VAL B 311 4.14 4.12 15.27
C VAL B 311 2.81 4.69 15.79
N ALA B 312 2.01 3.85 16.44
CA ALA B 312 0.72 4.33 16.96
C ALA B 312 0.91 5.33 18.08
N LYS B 313 1.98 5.21 18.87
CA LYS B 313 2.24 6.19 19.92
C LYS B 313 2.72 7.51 19.34
N ASN B 314 3.50 7.45 18.26
CA ASN B 314 3.94 8.67 17.60
C ASN B 314 2.74 9.47 17.08
N MET B 315 1.73 8.78 16.55
CA MET B 315 0.54 9.48 16.05
C MET B 315 -0.35 9.94 17.20
N MET B 316 -0.50 9.13 18.23
CA MET B 316 -1.27 9.56 19.40
C MET B 316 -0.62 10.76 20.08
N GLN B 317 0.71 10.83 20.05
CA GLN B 317 1.39 11.95 20.70
C GLN B 317 1.19 13.24 19.92
N ALA B 318 1.22 13.17 18.59
CA ALA B 318 1.14 14.35 17.75
C ALA B 318 -0.30 14.72 17.41
N PHE B 319 -1.08 13.78 16.91
CA PHE B 319 -2.44 14.05 16.45
C PHE B 319 -3.45 14.14 17.59
N PHE B 320 -3.01 14.09 18.84
CA PHE B 320 -3.92 14.25 19.96
C PHE B 320 -3.35 15.18 21.02
N PHE B 321 -2.32 14.73 21.74
CA PHE B 321 -1.79 15.51 22.85
C PHE B 321 -1.14 16.81 22.39
N ASP B 322 -0.56 16.82 21.19
CA ASP B 322 0.08 18.03 20.69
C ASP B 322 -0.92 18.99 20.05
N LEU B 323 -1.94 18.45 19.38
CA LEU B 323 -2.95 19.31 18.75
C LEU B 323 -3.85 19.96 19.79
N GLN B 324 -4.17 19.26 20.89
CA GLN B 324 -4.94 19.87 21.96
C GLN B 324 -4.16 20.96 22.66
N ALA B 325 -2.82 20.83 22.71
CA ALA B 325 -2.01 21.83 23.39
C ALA B 325 -1.90 23.12 22.60
N ILE B 326 -1.94 23.04 21.26
CA ILE B 326 -1.86 24.24 20.45
C ILE B 326 -3.19 24.98 20.44
N ASN B 327 -4.30 24.26 20.39
CA ASN B 327 -5.61 24.90 20.49
C ASN B 327 -5.91 25.41 21.89
N ALA B 328 -5.20 24.91 22.91
CA ALA B 328 -5.36 25.44 24.25
C ALA B 328 -4.67 26.78 24.43
N GLY B 329 -3.63 27.05 23.64
CA GLY B 329 -2.90 28.30 23.73
C GLY B 329 -1.54 28.14 24.36
N GLY B 330 -0.86 27.04 24.05
CA GLY B 330 0.45 26.79 24.62
C GLY B 330 1.46 27.86 24.23
N SER B 331 1.62 28.09 22.92
CA SER B 331 2.48 29.15 22.42
C SER B 331 1.76 30.49 22.34
N ARG B 332 0.99 30.82 23.37
CA ARG B 332 0.26 32.08 23.45
C ARG B 332 0.48 32.71 24.81
N PRO B 333 0.71 34.02 24.87
CA PRO B 333 0.82 34.69 26.17
C PRO B 333 -0.43 34.52 27.01
N GLU B 334 -0.31 33.72 28.08
CA GLU B 334 -1.46 33.34 28.90
C GLU B 334 -2.06 34.49 29.69
N GLY B 335 -1.42 35.66 29.72
CA GLY B 335 -1.92 36.76 30.51
C GLY B 335 -2.42 37.93 29.70
N ILE B 336 -3.04 37.67 28.56
CA ILE B 336 -3.57 38.71 27.68
C ILE B 336 -5.01 38.39 27.34
N GLY B 337 -5.86 39.41 27.31
CA GLY B 337 -7.28 39.23 27.10
C GLY B 337 -7.68 38.91 25.68
N LYS B 338 -8.60 39.70 25.12
CA LYS B 338 -9.11 39.47 23.77
C LYS B 338 -9.37 40.81 23.10
N THR B 339 -8.79 40.99 21.92
CA THR B 339 -8.99 42.20 21.11
C THR B 339 -9.82 41.85 19.88
N PRO B 340 -11.12 42.14 19.86
CA PRO B 340 -11.93 41.78 18.70
C PRO B 340 -11.50 42.53 17.45
N ILE B 341 -11.54 41.83 16.32
CA ILE B 341 -11.12 42.38 15.03
C ILE B 341 -12.36 42.80 14.26
N LYS B 342 -12.34 44.01 13.70
CA LYS B 342 -13.48 44.53 12.94
C LYS B 342 -13.25 44.35 11.45
N ARG B 343 -12.38 45.17 10.86
CA ARG B 343 -12.08 45.11 9.44
C ARG B 343 -10.68 44.57 9.23
N ILE B 344 -10.48 43.92 8.08
CA ILE B 344 -9.22 43.31 7.72
C ILE B 344 -8.77 43.87 6.37
N GLY B 345 -7.50 44.23 6.26
CA GLY B 345 -6.92 44.71 5.03
C GLY B 345 -5.90 43.71 4.50
N VAL B 346 -6.00 43.43 3.20
CA VAL B 346 -5.11 42.49 2.53
C VAL B 346 -4.41 43.22 1.41
N LEU B 347 -3.09 43.32 1.49
CA LEU B 347 -2.27 43.93 0.45
C LEU B 347 -1.80 42.85 -0.52
N GLY B 348 -1.99 43.10 -1.81
CA GLY B 348 -1.68 42.10 -2.82
C GLY B 348 -2.81 41.11 -2.99
N ALA B 349 -2.98 40.61 -4.22
CA ALA B 349 -4.09 39.71 -4.52
C ALA B 349 -3.65 38.60 -5.47
N GLY B 350 -2.46 38.06 -5.22
CA GLY B 350 -1.95 36.93 -5.99
C GLY B 350 -2.60 35.63 -5.57
N MET B 351 -1.85 34.54 -5.70
CA MET B 351 -2.34 33.25 -5.22
C MET B 351 -2.42 33.21 -3.70
N MET B 352 -1.72 34.11 -3.01
CA MET B 352 -1.76 34.20 -1.56
C MET B 352 -2.82 35.17 -1.07
N GLY B 353 -2.79 36.42 -1.55
CA GLY B 353 -3.74 37.41 -1.08
C GLY B 353 -5.18 37.06 -1.37
N ALA B 354 -5.42 36.27 -2.42
CA ALA B 354 -6.78 35.84 -2.72
C ALA B 354 -7.27 34.81 -1.70
N GLY B 355 -6.44 33.81 -1.40
CA GLY B 355 -6.82 32.81 -0.42
C GLY B 355 -6.90 33.35 1.00
N ILE B 356 -6.05 34.32 1.33
CA ILE B 356 -6.10 34.93 2.65
C ILE B 356 -7.43 35.67 2.85
N ALA B 357 -7.87 36.39 1.83
CA ALA B 357 -9.15 37.09 1.91
C ALA B 357 -10.33 36.12 1.92
N TYR B 358 -10.15 34.90 1.41
CA TYR B 358 -11.24 33.93 1.38
C TYR B 358 -11.46 33.30 2.76
N VAL B 359 -10.37 32.82 3.39
CA VAL B 359 -10.51 32.18 4.69
C VAL B 359 -10.84 33.21 5.76
N SER B 360 -10.46 34.47 5.55
CA SER B 360 -10.80 35.50 6.52
C SER B 360 -12.27 35.89 6.43
N ALA B 361 -12.85 35.85 5.23
CA ALA B 361 -14.27 36.18 5.08
C ALA B 361 -15.16 34.97 5.34
N LYS B 362 -14.67 33.76 5.05
CA LYS B 362 -15.44 32.56 5.34
C LYS B 362 -15.69 32.43 6.84
N ALA B 363 -14.83 33.02 7.66
CA ALA B 363 -15.07 33.09 9.09
C ALA B 363 -16.04 34.20 9.47
N GLY B 364 -16.17 35.22 8.63
CA GLY B 364 -17.12 36.30 8.87
C GLY B 364 -16.48 37.61 9.26
N TYR B 365 -15.48 38.05 8.49
CA TYR B 365 -14.77 39.30 8.74
C TYR B 365 -14.75 40.13 7.48
N GLU B 366 -14.93 41.45 7.64
CA GLU B 366 -14.86 42.36 6.50
C GLU B 366 -13.44 42.45 5.99
N VAL B 367 -13.28 42.38 4.67
CA VAL B 367 -11.97 42.35 4.03
C VAL B 367 -11.87 43.50 3.03
N VAL B 368 -10.73 44.18 3.03
CA VAL B 368 -10.42 45.22 2.05
C VAL B 368 -9.22 44.70 1.26
N LEU B 369 -9.48 44.11 0.10
CA LEU B 369 -8.44 43.51 -0.74
C LEU B 369 -7.87 44.57 -1.68
N LYS B 370 -6.58 44.84 -1.56
CA LYS B 370 -5.89 45.82 -2.39
C LYS B 370 -4.76 45.14 -3.15
N ASP B 371 -4.48 45.64 -4.34
CA ASP B 371 -3.34 45.16 -5.13
C ASP B 371 -2.79 46.36 -5.90
N VAL B 372 -1.95 46.08 -6.90
CA VAL B 372 -1.37 47.15 -7.71
C VAL B 372 -2.35 47.77 -8.69
N SER B 373 -3.58 47.25 -8.75
CA SER B 373 -4.62 47.79 -9.64
C SER B 373 -5.98 47.55 -9.01
N LEU B 374 -7.03 47.77 -9.81
CA LEU B 374 -8.39 47.44 -9.39
C LEU B 374 -8.90 46.14 -10.00
N GLU B 375 -8.40 45.79 -11.19
CA GLU B 375 -8.77 44.53 -11.82
C GLU B 375 -8.11 43.33 -11.15
N ALA B 376 -6.93 43.54 -10.55
CA ALA B 376 -6.28 42.44 -9.83
C ALA B 376 -7.04 42.07 -8.57
N ALA B 377 -7.68 43.06 -7.93
CA ALA B 377 -8.53 42.75 -6.78
C ALA B 377 -9.77 41.96 -7.17
N ALA B 378 -10.18 42.02 -8.44
CA ALA B 378 -11.28 41.20 -8.92
C ALA B 378 -10.83 39.76 -9.13
N LYS B 379 -9.65 39.56 -9.71
CA LYS B 379 -9.10 38.21 -9.82
C LYS B 379 -8.82 37.62 -8.44
N GLY B 380 -8.48 38.46 -7.47
CA GLY B 380 -8.34 37.98 -6.11
C GLY B 380 -9.67 37.65 -5.47
N LYS B 381 -10.69 38.46 -5.74
CA LYS B 381 -12.03 38.13 -5.28
C LYS B 381 -12.64 37.01 -6.12
N GLY B 382 -12.23 36.90 -7.39
CA GLY B 382 -12.74 35.83 -8.24
C GLY B 382 -12.25 34.46 -7.83
N TYR B 383 -11.02 34.36 -7.34
CA TYR B 383 -10.54 33.09 -6.81
C TYR B 383 -11.35 32.65 -5.59
N SER B 384 -11.88 33.60 -4.82
CA SER B 384 -12.78 33.27 -3.74
C SER B 384 -14.14 32.85 -4.28
N GLU B 385 -14.54 33.39 -5.43
CA GLU B 385 -15.82 33.01 -6.03
C GLU B 385 -15.71 31.71 -6.82
N LYS B 386 -14.53 31.39 -7.33
CA LYS B 386 -14.33 30.09 -7.96
C LYS B 386 -14.44 28.96 -6.94
N LEU B 387 -13.96 29.20 -5.72
CA LEU B 387 -14.16 28.24 -4.63
C LEU B 387 -15.56 28.32 -4.05
N GLU B 388 -16.27 29.44 -4.26
CA GLU B 388 -17.66 29.53 -3.82
C GLU B 388 -18.59 28.74 -4.72
N ALA B 389 -18.23 28.59 -5.99
CA ALA B 389 -18.97 27.67 -6.86
C ALA B 389 -18.87 26.25 -6.34
N LYS B 390 -17.66 25.81 -6.01
CA LYS B 390 -17.48 24.48 -5.42
C LYS B 390 -18.12 24.39 -4.03
N ALA B 391 -18.25 25.52 -3.33
CA ALA B 391 -18.95 25.52 -2.05
C ALA B 391 -20.45 25.28 -2.24
N LEU B 392 -21.00 25.70 -3.38
CA LEU B 392 -22.40 25.46 -3.72
C LEU B 392 -22.58 24.23 -4.60
N GLU B 393 -21.67 23.99 -5.55
CA GLU B 393 -21.76 22.80 -6.38
C GLU B 393 -21.64 21.52 -5.54
N ARG B 394 -20.91 21.59 -4.42
CA ARG B 394 -20.86 20.46 -3.50
C ARG B 394 -22.03 20.45 -2.52
N GLY B 395 -22.86 21.49 -2.53
CA GLY B 395 -24.04 21.53 -1.68
C GLY B 395 -23.76 21.61 -0.20
N ARG B 396 -22.52 21.95 0.18
CA ARG B 396 -22.18 22.05 1.60
C ARG B 396 -22.51 23.41 2.20
N THR B 397 -22.73 24.43 1.38
CA THR B 397 -23.03 25.77 1.85
C THR B 397 -24.51 26.05 1.77
N THR B 398 -24.93 27.18 2.34
CA THR B 398 -26.33 27.56 2.39
C THR B 398 -26.81 28.24 1.11
N GLN B 399 -25.89 28.65 0.22
CA GLN B 399 -26.23 29.28 -1.05
C GLN B 399 -26.92 30.63 -0.87
N GLU B 400 -27.40 30.92 0.33
CA GLU B 400 -28.03 32.20 0.65
C GLU B 400 -27.16 33.03 1.58
N ARG B 401 -26.80 32.48 2.75
CA ARG B 401 -25.86 33.17 3.62
C ARG B 401 -24.43 33.05 3.11
N SER B 402 -24.12 31.95 2.43
CA SER B 402 -22.80 31.78 1.85
C SER B 402 -22.57 32.77 0.71
N ASP B 403 -23.52 32.89 -0.20
CA ASP B 403 -23.43 33.87 -1.27
C ASP B 403 -23.41 35.29 -0.74
N ALA B 404 -23.92 35.51 0.48
CA ALA B 404 -23.84 36.82 1.10
C ALA B 404 -22.49 37.09 1.76
N LEU B 405 -21.70 36.05 2.00
CA LEU B 405 -20.37 36.25 2.57
C LEU B 405 -19.43 36.93 1.59
N LEU B 406 -19.67 36.76 0.28
CA LEU B 406 -18.89 37.45 -0.72
C LEU B 406 -19.11 38.96 -0.69
N ALA B 407 -20.25 39.41 -0.16
CA ALA B 407 -20.50 40.84 -0.04
C ALA B 407 -19.69 41.47 1.09
N ARG B 408 -19.17 40.65 2.01
CA ARG B 408 -18.33 41.19 3.07
C ARG B 408 -16.96 41.62 2.55
N ILE B 409 -16.49 40.98 1.48
CA ILE B 409 -15.22 41.36 0.87
C ILE B 409 -15.42 42.60 0.02
N THR B 410 -14.58 43.61 0.23
CA THR B 410 -14.64 44.86 -0.52
C THR B 410 -13.35 45.01 -1.31
N PRO B 411 -13.32 44.51 -2.56
CA PRO B 411 -12.11 44.67 -3.39
C PRO B 411 -11.99 46.09 -3.90
N THR B 412 -10.92 46.77 -3.50
CA THR B 412 -10.71 48.16 -3.85
C THR B 412 -9.23 48.42 -4.08
N ALA B 413 -8.94 49.50 -4.81
CA ALA B 413 -7.58 49.94 -5.05
C ALA B 413 -7.24 51.24 -4.33
N ASP B 414 -8.20 52.13 -4.14
CA ASP B 414 -7.95 53.36 -3.39
C ASP B 414 -7.57 53.03 -1.96
N ALA B 415 -6.42 53.56 -1.52
CA ALA B 415 -5.95 53.34 -0.16
C ALA B 415 -6.92 53.88 0.89
N ALA B 416 -7.88 54.72 0.51
CA ALA B 416 -8.88 55.21 1.45
C ALA B 416 -9.80 54.11 1.93
N ASP B 417 -9.86 52.97 1.23
CA ASP B 417 -10.70 51.87 1.67
C ASP B 417 -10.12 51.16 2.90
N PHE B 418 -8.82 51.29 3.14
CA PHE B 418 -8.22 50.75 4.36
C PHE B 418 -8.61 51.54 5.60
N LYS B 419 -9.38 52.62 5.45
CA LYS B 419 -9.87 53.36 6.60
C LYS B 419 -10.81 52.48 7.42
N GLY B 420 -10.47 52.27 8.69
CA GLY B 420 -11.22 51.39 9.55
C GLY B 420 -10.64 50.01 9.71
N VAL B 421 -9.52 49.72 9.05
CA VAL B 421 -8.90 48.40 9.11
C VAL B 421 -8.02 48.33 10.35
N ASP B 422 -8.26 47.31 11.19
CA ASP B 422 -7.48 47.10 12.39
C ASP B 422 -6.60 45.84 12.29
N PHE B 423 -6.40 45.32 11.08
CA PHE B 423 -5.57 44.14 10.89
C PHE B 423 -5.14 44.09 9.43
N VAL B 424 -3.86 44.30 9.17
CA VAL B 424 -3.30 44.31 7.82
C VAL B 424 -2.49 43.04 7.61
N ILE B 425 -2.65 42.41 6.45
CA ILE B 425 -1.90 41.23 6.07
C ILE B 425 -1.30 41.52 4.70
N GLU B 426 0.00 41.86 4.67
CA GLU B 426 0.67 42.22 3.43
C GLU B 426 1.13 40.95 2.72
N ALA B 427 0.48 40.62 1.60
CA ALA B 427 0.88 39.51 0.76
C ALA B 427 1.62 39.98 -0.49
N VAL B 428 2.14 41.21 -0.47
CA VAL B 428 2.91 41.70 -1.61
C VAL B 428 4.15 40.86 -1.80
N PHE B 429 4.63 40.80 -3.03
CA PHE B 429 5.77 39.95 -3.39
C PHE B 429 7.00 40.30 -2.57
N GLU B 430 7.91 39.34 -2.47
CA GLU B 430 9.08 39.46 -1.60
C GLU B 430 10.10 40.41 -2.22
N ASN B 431 10.31 41.54 -1.56
CA ASN B 431 11.35 42.49 -1.94
C ASN B 431 11.61 43.41 -0.75
N GLN B 432 12.88 43.61 -0.42
CA GLN B 432 13.23 44.35 0.79
C GLN B 432 12.70 45.78 0.75
N GLU B 433 12.95 46.48 -0.36
CA GLU B 433 12.50 47.87 -0.46
C GLU B 433 11.02 47.98 -0.76
N LEU B 434 10.44 46.99 -1.43
CA LEU B 434 9.02 47.06 -1.77
C LEU B 434 8.14 46.91 -0.54
N LYS B 435 8.56 46.07 0.41
CA LYS B 435 7.78 45.88 1.62
C LYS B 435 7.74 47.14 2.47
N HIS B 436 8.88 47.80 2.63
CA HIS B 436 8.92 49.05 3.40
C HIS B 436 8.21 50.19 2.67
N LYS B 437 8.05 50.08 1.35
CA LYS B 437 7.36 51.13 0.60
C LYS B 437 5.84 50.97 0.67
N VAL B 438 5.35 49.74 0.55
CA VAL B 438 3.92 49.50 0.62
C VAL B 438 3.40 49.70 2.04
N PHE B 439 4.17 49.24 3.04
CA PHE B 439 3.74 49.37 4.42
C PHE B 439 3.73 50.82 4.86
N GLY B 440 4.73 51.61 4.43
CA GLY B 440 4.74 53.02 4.77
C GLY B 440 3.59 53.78 4.16
N GLU B 441 3.06 53.29 3.04
CA GLU B 441 1.91 53.93 2.40
C GLU B 441 0.61 53.66 3.15
N ILE B 442 0.49 52.48 3.78
CA ILE B 442 -0.78 52.03 4.32
C ILE B 442 -0.88 52.17 5.84
N GLU B 443 0.25 52.37 6.54
CA GLU B 443 0.19 52.41 8.00
C GLU B 443 -0.42 53.70 8.54
N ASP B 444 -0.38 54.79 7.78
CA ASP B 444 -1.02 56.02 8.22
C ASP B 444 -2.52 56.04 7.92
N ILE B 445 -2.98 55.19 7.01
CA ILE B 445 -4.40 55.11 6.69
C ILE B 445 -5.15 54.21 7.65
N VAL B 446 -4.56 53.06 8.01
CA VAL B 446 -5.21 52.12 8.92
C VAL B 446 -5.15 52.66 10.34
N GLU B 447 -5.87 52.02 11.26
CA GLU B 447 -5.92 52.49 12.63
C GLU B 447 -4.56 52.33 13.30
N PRO B 448 -4.28 53.13 14.34
CA PRO B 448 -2.98 52.99 15.03
C PRO B 448 -2.81 51.66 15.73
N ASN B 449 -3.88 51.08 16.26
CA ASN B 449 -3.81 49.79 16.96
C ASN B 449 -3.91 48.60 16.02
N ALA B 450 -3.69 48.82 14.72
CA ALA B 450 -3.82 47.75 13.74
C ALA B 450 -2.59 46.85 13.75
N ILE B 451 -2.81 45.56 13.60
CA ILE B 451 -1.72 44.60 13.47
C ILE B 451 -1.18 44.67 12.04
N LEU B 452 0.14 44.82 11.91
CA LEU B 452 0.78 44.94 10.61
C LEU B 452 1.42 43.61 10.23
N GLY B 453 0.56 42.63 9.99
CA GLY B 453 1.05 41.32 9.57
C GLY B 453 1.62 41.35 8.16
N SER B 454 2.55 40.43 7.90
CA SER B 454 3.23 40.39 6.62
C SER B 454 3.65 38.95 6.34
N ASN B 455 3.00 38.33 5.35
CA ASN B 455 3.39 36.99 4.91
C ASN B 455 4.74 37.06 4.21
N THR B 456 5.77 36.50 4.83
CA THR B 456 7.13 36.61 4.35
C THR B 456 7.77 35.23 4.25
N SER B 457 8.57 35.03 3.21
CA SER B 457 9.26 33.76 3.00
C SER B 457 10.41 33.59 3.98
N THR B 458 11.53 34.27 3.72
CA THR B 458 12.72 34.14 4.55
C THR B 458 13.33 35.47 4.98
N LEU B 459 12.78 36.60 4.54
CA LEU B 459 13.35 37.88 4.89
C LEU B 459 13.17 38.14 6.40
N PRO B 460 14.18 38.66 7.08
CA PRO B 460 14.07 38.86 8.53
C PRO B 460 13.09 39.98 8.87
N ILE B 461 12.21 39.72 9.85
CA ILE B 461 11.24 40.73 10.26
C ILE B 461 11.93 41.88 10.98
N THR B 462 13.02 41.59 11.70
CA THR B 462 13.74 42.66 12.40
C THR B 462 14.19 43.75 11.45
N GLY B 463 14.55 43.40 10.21
CA GLY B 463 14.87 44.38 9.21
C GLY B 463 13.64 44.98 8.56
N LEU B 464 12.60 44.16 8.38
CA LEU B 464 11.38 44.65 7.76
C LEU B 464 10.55 45.50 8.72
N ALA B 465 10.68 45.27 10.03
CA ALA B 465 9.91 46.04 11.01
C ALA B 465 10.34 47.50 11.05
N THR B 466 11.54 47.83 10.57
CA THR B 466 12.00 49.21 10.55
C THR B 466 11.28 50.06 9.52
N GLY B 467 10.50 49.45 8.63
CA GLY B 467 9.74 50.19 7.63
C GLY B 467 8.47 50.81 8.12
N VAL B 468 8.09 50.59 9.37
CA VAL B 468 6.89 51.16 9.96
C VAL B 468 7.27 51.91 11.23
N LYS B 469 6.30 52.66 11.75
CA LYS B 469 6.52 53.46 12.97
C LYS B 469 6.25 52.63 14.23
N ARG B 470 5.06 52.05 14.33
CA ARG B 470 4.71 51.20 15.47
C ARG B 470 5.20 49.79 15.20
N GLN B 471 6.50 49.59 15.45
CA GLN B 471 7.10 48.28 15.28
C GLN B 471 6.53 47.24 16.25
N GLU B 472 5.90 47.70 17.34
CA GLU B 472 5.32 46.78 18.30
C GLU B 472 4.10 46.06 17.76
N ASP B 473 3.45 46.60 16.72
CA ASP B 473 2.31 45.96 16.09
C ASP B 473 2.69 45.22 14.81
N PHE B 474 3.96 45.27 14.41
CA PHE B 474 4.43 44.58 13.21
C PHE B 474 4.78 43.14 13.55
N ILE B 475 4.28 42.20 12.76
CA ILE B 475 4.44 40.77 12.99
C ILE B 475 4.42 40.05 11.65
N GLY B 476 4.86 38.80 11.64
CA GLY B 476 4.85 37.97 10.45
C GLY B 476 3.78 36.90 10.55
N ILE B 477 2.96 36.83 9.50
CA ILE B 477 1.87 35.85 9.43
C ILE B 477 2.05 35.05 8.15
N ALA B 478 2.88 34.01 8.20
CA ALA B 478 3.17 33.21 7.02
C ALA B 478 2.11 32.12 6.86
N PHE B 479 1.44 32.13 5.71
CA PHE B 479 0.49 31.09 5.35
C PHE B 479 1.19 30.03 4.51
N PHE B 480 0.40 29.14 3.92
CA PHE B 480 0.93 28.07 3.07
C PHE B 480 0.00 27.88 1.88
N SER B 481 0.58 27.77 0.69
CA SER B 481 -0.21 27.68 -0.52
C SER B 481 -0.54 26.22 -0.84
N PRO B 482 -1.80 25.91 -1.20
CA PRO B 482 -2.90 26.87 -1.28
C PRO B 482 -3.45 27.25 0.09
N VAL B 483 -3.75 28.54 0.28
CA VAL B 483 -4.18 29.03 1.59
C VAL B 483 -5.48 28.36 2.03
N ASP B 484 -6.37 28.05 1.08
CA ASP B 484 -7.67 27.48 1.42
C ASP B 484 -7.51 26.13 2.11
N LYS B 485 -6.66 25.25 1.56
CA LYS B 485 -6.54 23.89 2.06
C LYS B 485 -5.52 23.77 3.19
N MET B 486 -4.40 24.47 3.11
CA MET B 486 -3.34 24.31 4.10
C MET B 486 -3.82 24.79 5.47
N PRO B 487 -3.57 24.03 6.54
CA PRO B 487 -4.13 24.38 7.85
C PRO B 487 -3.15 25.13 8.74
N LEU B 488 -1.89 25.24 8.34
CA LEU B 488 -0.86 25.81 9.21
C LEU B 488 -0.66 27.28 8.92
N VAL B 489 -0.50 28.06 9.98
CA VAL B 489 -0.11 29.47 9.90
C VAL B 489 1.09 29.66 10.80
N GLU B 490 2.20 30.13 10.22
CA GLU B 490 3.45 30.30 10.95
C GLU B 490 3.57 31.76 11.36
N ILE B 491 3.38 32.04 12.64
CA ILE B 491 3.49 33.38 13.18
C ILE B 491 4.94 33.60 13.61
N ILE B 492 5.62 34.53 12.94
CA ILE B 492 7.01 34.83 13.24
C ILE B 492 7.06 36.07 14.11
N LYS B 493 7.63 35.92 15.32
CA LYS B 493 7.75 37.01 16.27
C LYS B 493 9.09 37.72 16.06
N GLY B 494 9.04 39.01 15.72
CA GLY B 494 10.23 39.80 15.60
C GLY B 494 10.73 40.29 16.95
N GLU B 495 11.85 41.01 16.91
CA GLU B 495 12.43 41.52 18.15
C GLU B 495 11.53 42.57 18.78
N LYS B 496 11.07 43.55 17.99
CA LYS B 496 10.22 44.61 18.51
C LYS B 496 8.75 44.22 18.56
N THR B 497 8.40 42.99 18.22
CA THR B 497 7.00 42.57 18.22
C THR B 497 6.51 42.40 19.66
N SER B 498 5.44 43.11 20.01
CA SER B 498 4.90 43.03 21.35
C SER B 498 4.21 41.69 21.58
N ASP B 499 4.12 41.30 22.85
CA ASP B 499 3.46 40.05 23.20
C ASP B 499 1.95 40.12 23.01
N GLU B 500 1.37 41.32 22.99
CA GLU B 500 -0.06 41.43 22.68
C GLU B 500 -0.32 41.17 21.20
N ALA B 501 0.61 41.62 20.34
CA ALA B 501 0.47 41.35 18.92
C ALA B 501 0.47 39.86 18.61
N LEU B 502 1.24 39.07 19.38
CA LEU B 502 1.20 37.62 19.23
C LEU B 502 -0.18 37.08 19.57
N ALA B 503 -0.73 37.50 20.71
CA ALA B 503 -2.04 37.01 21.12
C ALA B 503 -3.14 37.46 20.17
N ARG B 504 -3.02 38.66 19.59
CA ARG B 504 -4.03 39.14 18.66
C ARG B 504 -4.00 38.35 17.36
N VAL B 505 -2.83 37.90 16.92
CA VAL B 505 -2.75 37.07 15.73
C VAL B 505 -3.03 35.61 16.08
N PHE B 506 -2.64 35.16 17.28
CA PHE B 506 -2.93 33.80 17.70
C PHE B 506 -4.44 33.56 17.78
N ASP B 507 -5.19 34.55 18.25
CA ASP B 507 -6.65 34.43 18.28
C ASP B 507 -7.22 34.41 16.87
N TYR B 508 -6.65 35.22 15.96
CA TYR B 508 -7.16 35.29 14.59
C TYR B 508 -6.96 33.97 13.86
N THR B 509 -5.82 33.30 14.11
CA THR B 509 -5.58 32.03 13.44
C THR B 509 -6.57 30.97 13.89
N LEU B 510 -6.87 30.92 15.19
CA LEU B 510 -7.92 30.04 15.67
C LEU B 510 -9.30 30.47 15.20
N ALA B 511 -9.45 31.72 14.73
CA ALA B 511 -10.73 32.19 14.25
C ALA B 511 -11.01 31.74 12.81
N ILE B 512 -9.98 31.52 12.01
CA ILE B 512 -10.16 31.11 10.62
C ILE B 512 -10.01 29.59 10.53
N GLY B 513 -10.07 28.94 11.68
CA GLY B 513 -10.03 27.48 11.73
C GLY B 513 -8.69 26.86 11.41
N LYS B 514 -7.60 27.59 11.59
CA LYS B 514 -6.25 27.10 11.28
C LYS B 514 -5.45 26.92 12.56
N THR B 515 -4.27 26.32 12.41
CA THR B 515 -3.42 25.97 13.54
C THR B 515 -2.19 26.87 13.55
N PRO B 516 -1.96 27.65 14.61
CA PRO B 516 -0.81 28.56 14.64
C PRO B 516 0.40 27.97 15.35
N ILE B 517 1.59 28.41 14.93
CA ILE B 517 2.83 28.15 15.65
C ILE B 517 3.60 29.46 15.76
N VAL B 518 4.41 29.58 16.80
CA VAL B 518 5.17 30.79 17.08
C VAL B 518 6.65 30.50 16.81
N VAL B 519 7.26 31.32 15.98
CA VAL B 519 8.66 31.18 15.58
C VAL B 519 9.37 32.49 15.85
N ASN B 520 10.50 32.42 16.54
CA ASN B 520 11.33 33.60 16.75
C ASN B 520 12.11 33.92 15.49
N ASP B 521 12.32 35.21 15.25
CA ASP B 521 12.99 35.67 14.04
C ASP B 521 14.41 35.11 13.95
N SER B 522 14.62 34.18 13.02
CA SER B 522 15.92 33.61 12.76
C SER B 522 16.09 33.44 11.26
N ARG B 523 17.33 33.27 10.83
CA ARG B 523 17.62 33.11 9.41
C ARG B 523 16.99 31.82 8.90
N GLY B 524 16.07 31.96 7.93
CA GLY B 524 15.35 30.83 7.40
C GLY B 524 14.07 30.47 8.13
N PHE B 525 13.78 31.14 9.24
CA PHE B 525 12.59 30.89 10.08
C PHE B 525 12.65 29.42 10.52
N PHE B 526 11.54 28.71 10.53
CA PHE B 526 11.51 27.29 10.87
C PHE B 526 11.07 26.40 9.72
N THR B 527 10.04 26.80 8.97
CA THR B 527 9.56 25.99 7.86
C THR B 527 10.59 25.91 6.74
N SER B 528 11.01 27.07 6.23
CA SER B 528 11.93 27.09 5.10
C SER B 528 13.28 26.47 5.47
N ARG B 529 13.70 26.62 6.73
CA ARG B 529 15.02 26.13 7.13
C ARG B 529 15.07 24.61 7.14
N VAL B 530 14.03 23.96 7.68
CA VAL B 530 14.07 22.51 7.82
C VAL B 530 13.80 21.83 6.50
N ILE B 531 12.79 22.29 5.74
CA ILE B 531 12.48 21.67 4.46
C ILE B 531 13.62 21.85 3.47
N GLY B 532 14.50 22.83 3.69
CA GLY B 532 15.67 22.95 2.84
C GLY B 532 16.62 21.78 2.97
N THR B 533 16.88 21.36 4.21
CA THR B 533 17.76 20.22 4.44
C THR B 533 17.21 18.95 3.81
N PHE B 534 15.87 18.85 3.70
CA PHE B 534 15.27 17.68 3.08
C PHE B 534 15.61 17.59 1.60
N VAL B 535 15.34 18.67 0.85
CA VAL B 535 15.63 18.65 -0.58
C VAL B 535 17.13 18.71 -0.83
N ASN B 536 17.90 19.30 0.09
CA ASN B 536 19.34 19.38 -0.09
C ASN B 536 20.00 18.01 0.06
N GLU B 537 19.47 17.18 0.98
CA GLU B 537 20.01 15.84 1.12
C GLU B 537 19.73 14.99 -0.11
N ALA B 538 18.61 15.24 -0.79
CA ALA B 538 18.29 14.50 -2.00
C ALA B 538 19.15 14.95 -3.18
N LEU B 539 19.37 16.26 -3.31
CA LEU B 539 20.22 16.77 -4.38
C LEU B 539 21.65 16.26 -4.23
N ALA B 540 22.12 16.17 -2.99
CA ALA B 540 23.47 15.64 -2.75
C ALA B 540 23.58 14.19 -3.19
N MET B 541 22.51 13.41 -2.97
CA MET B 541 22.53 12.01 -3.42
C MET B 541 22.65 11.92 -4.93
N LEU B 542 21.94 12.79 -5.65
CA LEU B 542 22.04 12.80 -7.11
C LEU B 542 23.47 13.12 -7.55
N GLY B 543 24.11 14.08 -6.90
CA GLY B 543 25.50 14.39 -7.21
C GLY B 543 26.45 13.28 -6.84
N GLU B 544 26.13 12.51 -5.80
CA GLU B 544 26.94 11.37 -5.40
C GLU B 544 26.92 10.25 -6.44
N GLY B 545 26.00 10.30 -7.41
CA GLY B 545 25.88 9.26 -8.40
C GLY B 545 24.77 8.26 -8.17
N VAL B 546 23.73 8.63 -7.43
CA VAL B 546 22.63 7.73 -7.12
C VAL B 546 21.55 7.87 -8.18
N GLU B 547 20.94 6.74 -8.54
CA GLU B 547 19.87 6.75 -9.54
C GLU B 547 18.72 7.64 -9.08
N PRO B 548 18.19 8.48 -9.96
CA PRO B 548 17.10 9.39 -9.53
C PRO B 548 15.85 8.66 -9.08
N ALA B 549 15.49 7.57 -9.75
CA ALA B 549 14.29 6.82 -9.38
C ALA B 549 14.35 6.32 -7.95
N SER B 550 15.55 5.95 -7.48
CA SER B 550 15.71 5.53 -6.09
C SER B 550 15.42 6.68 -5.13
N ILE B 551 15.86 7.90 -5.49
CA ILE B 551 15.63 9.06 -4.63
C ILE B 551 14.14 9.35 -4.50
N GLU B 552 13.39 9.21 -5.60
CA GLU B 552 11.95 9.43 -5.54
C GLU B 552 11.26 8.30 -4.78
N GLN B 553 11.76 7.07 -4.91
CA GLN B 553 11.23 5.98 -4.11
C GLN B 553 11.60 6.14 -2.64
N ALA B 554 12.83 6.60 -2.38
CA ALA B 554 13.25 6.81 -0.99
C ALA B 554 12.41 7.89 -0.31
N GLY B 555 12.05 8.94 -1.06
CA GLY B 555 11.21 9.97 -0.49
C GLY B 555 9.79 9.51 -0.25
N SER B 556 9.22 8.76 -1.21
CA SER B 556 7.84 8.30 -1.07
C SER B 556 7.73 7.20 -0.03
N GLN B 557 8.73 6.32 0.05
CA GLN B 557 8.68 5.26 1.06
C GLN B 557 9.00 5.78 2.46
N ALA B 558 9.68 6.92 2.57
CA ALA B 558 9.88 7.52 3.88
C ALA B 558 8.59 8.04 4.49
N GLY B 559 7.59 8.35 3.65
CA GLY B 559 6.31 8.86 4.11
C GLY B 559 5.97 10.25 3.62
N TYR B 560 6.85 10.92 2.88
CA TYR B 560 6.56 12.25 2.40
C TYR B 560 5.41 12.21 1.39
N PRO B 561 4.60 13.27 1.31
CA PRO B 561 3.53 13.29 0.30
C PRO B 561 4.05 13.49 -1.11
N ALA B 562 5.13 14.25 -1.28
CA ALA B 562 5.71 14.49 -2.59
C ALA B 562 7.20 14.17 -2.56
N PRO B 563 7.71 13.43 -3.54
CA PRO B 563 9.14 13.13 -3.58
C PRO B 563 9.97 14.39 -3.72
N PRO B 564 11.23 14.37 -3.28
CA PRO B 564 12.01 15.61 -3.18
C PRO B 564 12.33 16.25 -4.54
N LEU B 565 12.79 15.46 -5.51
CA LEU B 565 13.09 16.01 -6.82
C LEU B 565 11.86 16.61 -7.47
N GLN B 566 10.69 16.03 -7.21
CA GLN B 566 9.44 16.66 -7.64
C GLN B 566 9.21 17.98 -6.91
N LEU B 567 9.60 18.03 -5.63
CA LEU B 567 9.42 19.25 -4.85
C LEU B 567 10.45 20.31 -5.24
N SER B 568 11.65 19.89 -5.64
CA SER B 568 12.66 20.84 -6.11
C SER B 568 12.28 21.50 -7.43
N ASP B 569 11.26 20.99 -8.11
CA ASP B 569 10.73 21.65 -9.30
C ASP B 569 9.54 22.54 -8.98
N GLU B 570 8.71 22.15 -8.02
CA GLU B 570 7.61 23.00 -7.56
C GLU B 570 8.19 24.30 -7.03
N LEU B 571 8.94 24.22 -5.93
CA LEU B 571 9.76 25.34 -5.50
C LEU B 571 10.81 25.62 -6.57
N ASN B 572 10.82 26.85 -7.09
CA ASN B 572 11.70 27.17 -8.21
C ASN B 572 13.16 26.86 -7.86
N LEU B 573 13.89 26.30 -8.83
CA LEU B 573 15.26 25.90 -8.58
C LEU B 573 16.20 27.09 -8.52
N GLU B 574 15.91 28.16 -9.27
CA GLU B 574 16.67 29.40 -9.12
C GLU B 574 16.36 30.10 -7.80
N LEU B 575 15.19 29.82 -7.21
CA LEU B 575 14.89 30.35 -5.88
C LEU B 575 15.83 29.79 -4.83
N MET B 576 16.16 28.50 -4.94
CA MET B 576 17.11 27.88 -4.02
C MET B 576 18.52 28.41 -4.18
N HIS B 577 18.84 28.97 -5.36
CA HIS B 577 20.18 29.49 -5.58
C HIS B 577 20.46 30.69 -4.67
N LYS B 578 19.59 31.69 -4.69
CA LYS B 578 19.81 32.87 -3.87
C LYS B 578 19.57 32.61 -2.39
N ILE B 579 18.89 31.51 -2.05
CA ILE B 579 18.84 31.09 -0.65
C ILE B 579 20.24 30.72 -0.17
N ALA B 580 21.03 30.08 -1.04
CA ALA B 580 22.42 29.78 -0.71
C ALA B 580 23.30 31.02 -0.79
N VAL B 581 22.95 31.98 -1.65
CA VAL B 581 23.72 33.22 -1.73
C VAL B 581 23.49 34.08 -0.50
N ALA B 582 22.29 34.02 0.08
CA ALA B 582 22.01 34.81 1.28
C ALA B 582 22.67 34.22 2.51
N THR B 583 22.78 32.89 2.60
CA THR B 583 23.47 32.27 3.72
C THR B 583 24.98 32.33 3.56
N ARG B 584 25.48 32.21 2.33
CA ARG B 584 26.89 32.47 2.08
C ARG B 584 27.26 33.92 2.34
N LYS B 585 26.27 34.82 2.30
CA LYS B 585 26.48 36.23 2.62
C LYS B 585 26.40 36.50 4.12
N GLY B 586 25.70 35.65 4.87
CA GLY B 586 25.55 35.81 6.29
C GLY B 586 26.63 35.16 7.14
N VAL B 587 27.64 34.57 6.52
CA VAL B 587 28.74 33.93 7.24
C VAL B 587 30.08 34.54 6.85
N GLU B 588 30.34 34.67 5.54
CA GLU B 588 31.57 35.30 5.09
C GLU B 588 31.62 36.78 5.46
N ASP B 589 30.46 37.41 5.61
CA ASP B 589 30.43 38.76 6.16
C ASP B 589 30.88 38.77 7.62
N ALA B 590 30.61 37.69 8.34
CA ALA B 590 31.08 37.53 9.71
C ALA B 590 32.49 36.96 9.79
N GLY B 591 33.17 36.83 8.65
CA GLY B 591 34.54 36.35 8.62
C GLY B 591 34.72 34.85 8.64
N GLY B 592 33.72 34.09 9.07
CA GLY B 592 33.87 32.66 9.15
C GLY B 592 33.93 32.01 7.77
N THR B 593 34.63 30.89 7.71
CA THR B 593 34.77 30.15 6.46
C THR B 593 33.47 29.40 6.17
N TYR B 594 32.83 29.74 5.05
CA TYR B 594 31.57 29.13 4.67
C TYR B 594 31.83 27.74 4.08
N GLN B 595 31.25 26.71 4.70
CA GLN B 595 31.33 25.35 4.21
C GLN B 595 30.07 25.04 3.42
N PRO B 596 30.08 25.15 2.10
CA PRO B 596 28.83 25.00 1.34
C PRO B 596 28.34 23.56 1.32
N HIS B 597 27.02 23.43 1.29
CA HIS B 597 26.41 22.11 1.17
C HIS B 597 26.70 21.53 -0.20
N PRO B 598 26.94 20.22 -0.29
CA PRO B 598 27.23 19.62 -1.61
C PRO B 598 26.07 19.74 -2.59
N ALA B 599 24.85 20.00 -2.12
CA ALA B 599 23.71 20.15 -3.00
C ALA B 599 23.77 21.43 -3.81
N GLU B 600 24.55 22.43 -3.37
CA GLU B 600 24.62 23.69 -4.10
C GLU B 600 25.25 23.51 -5.48
N ALA B 601 26.13 22.52 -5.64
CA ALA B 601 26.74 22.27 -6.94
C ALA B 601 25.73 21.70 -7.93
N VAL B 602 24.89 20.77 -7.46
CA VAL B 602 23.89 20.17 -8.34
C VAL B 602 22.87 21.21 -8.80
N VAL B 603 22.56 22.19 -7.96
CA VAL B 603 21.64 23.26 -8.34
C VAL B 603 22.25 24.10 -9.46
N GLU B 604 23.44 24.65 -9.22
CA GLU B 604 24.07 25.51 -10.22
C GLU B 604 24.34 24.77 -11.52
N LYS B 605 24.51 23.44 -11.45
CA LYS B 605 24.67 22.66 -12.67
C LYS B 605 23.36 22.61 -13.46
N MET B 606 22.23 22.48 -12.75
CA MET B 606 20.94 22.49 -13.43
C MET B 606 20.58 23.88 -13.94
N ILE B 607 20.95 24.91 -13.18
CA ILE B 607 20.72 26.28 -13.65
C ILE B 607 21.54 26.53 -14.91
N GLU B 608 22.75 25.97 -14.98
CA GLU B 608 23.57 26.10 -16.17
C GLU B 608 22.91 25.45 -17.38
N LEU B 609 22.26 24.30 -17.18
CA LEU B 609 21.60 23.58 -18.26
C LEU B 609 20.19 24.12 -18.56
N GLY B 610 19.78 25.22 -17.92
CA GLY B 610 18.51 25.83 -18.21
C GLY B 610 17.29 25.08 -17.73
N ARG B 611 17.44 24.13 -16.83
CA ARG B 611 16.33 23.37 -16.27
C ARG B 611 16.17 23.81 -14.81
N SER B 612 15.35 24.84 -14.59
CA SER B 612 15.21 25.43 -13.27
C SER B 612 13.78 25.34 -12.74
N GLY B 613 13.20 24.14 -12.78
CA GLY B 613 11.92 23.90 -12.15
C GLY B 613 10.77 23.83 -13.13
N ARG B 614 9.59 23.53 -12.58
CA ARG B 614 8.38 23.44 -13.39
C ARG B 614 7.99 24.77 -14.00
N LEU B 615 8.29 25.88 -13.32
CA LEU B 615 7.92 27.19 -13.83
C LEU B 615 8.60 27.49 -15.16
N LYS B 616 9.91 27.30 -15.23
CA LYS B 616 10.67 27.54 -16.47
C LYS B 616 10.41 26.50 -17.55
N GLY B 617 9.42 25.61 -17.39
CA GLY B 617 9.05 24.65 -18.39
C GLY B 617 9.67 23.27 -18.21
N ALA B 618 10.84 23.20 -17.58
CA ALA B 618 11.52 21.92 -17.42
C ALA B 618 12.45 21.99 -16.22
N GLY B 619 12.53 20.89 -15.48
CA GLY B 619 13.44 20.77 -14.35
C GLY B 619 14.02 19.39 -14.24
N PHE B 620 13.89 18.75 -13.07
CA PHE B 620 14.30 17.35 -12.95
C PHE B 620 13.32 16.43 -13.67
N TYR B 621 12.07 16.86 -13.82
CA TYR B 621 11.08 16.17 -14.63
C TYR B 621 10.92 16.90 -15.97
N GLU B 622 10.06 16.34 -16.82
CA GLU B 622 9.69 16.98 -18.08
C GLU B 622 8.21 17.33 -18.03
N TYR B 623 7.87 18.51 -18.56
CA TYR B 623 6.53 19.05 -18.45
C TYR B 623 5.98 19.39 -19.83
N ALA B 624 4.70 19.09 -20.03
CA ALA B 624 4.00 19.36 -21.28
C ALA B 624 2.66 20.01 -20.95
N ASP B 625 2.51 21.28 -21.31
CA ASP B 625 1.28 22.04 -21.07
C ASP B 625 0.95 22.07 -19.58
N GLY B 626 1.98 22.22 -18.75
CA GLY B 626 1.79 22.30 -17.32
C GLY B 626 1.52 21.00 -16.61
N LYS B 627 1.73 19.86 -17.27
CA LYS B 627 1.51 18.55 -16.68
C LYS B 627 2.83 17.80 -16.65
N ARG B 628 3.23 17.35 -15.46
CA ARG B 628 4.46 16.60 -15.31
C ARG B 628 4.34 15.24 -15.98
N SER B 629 5.37 14.85 -16.75
CA SER B 629 5.33 13.63 -17.56
C SER B 629 6.71 12.94 -17.52
N GLY B 630 7.06 12.40 -16.36
CA GLY B 630 8.23 11.57 -16.23
C GLY B 630 9.51 12.36 -16.00
N LEU B 631 10.52 11.65 -15.51
CA LEU B 631 11.82 12.26 -15.23
C LEU B 631 12.55 12.61 -16.52
N TRP B 632 13.52 13.51 -16.40
CA TRP B 632 14.32 13.91 -17.54
C TRP B 632 15.33 12.81 -17.87
N PRO B 633 15.34 12.31 -19.11
CA PRO B 633 16.26 11.20 -19.44
C PRO B 633 17.73 11.57 -19.32
N GLY B 634 18.09 12.81 -19.65
CA GLY B 634 19.47 13.26 -19.54
C GLY B 634 20.01 13.37 -18.13
N LEU B 635 19.17 13.12 -17.12
CA LEU B 635 19.61 13.25 -15.74
C LEU B 635 20.61 12.16 -15.37
N ARG B 636 20.45 10.95 -15.93
CA ARG B 636 21.36 9.85 -15.60
C ARG B 636 22.74 10.08 -16.20
N GLU B 637 22.81 10.68 -17.39
CA GLU B 637 24.10 10.91 -18.03
C GLU B 637 24.85 12.08 -17.42
N THR B 638 24.13 13.11 -16.96
CA THR B 638 24.78 14.30 -16.42
C THR B 638 25.50 14.00 -15.12
N PHE B 639 24.90 13.17 -14.26
CA PHE B 639 25.47 12.87 -12.95
C PHE B 639 26.00 11.46 -12.84
N LYS B 640 26.03 10.71 -13.95
CA LYS B 640 26.47 9.31 -13.97
C LYS B 640 25.72 8.48 -12.93
N SER B 641 24.40 8.56 -13.00
CA SER B 641 23.56 7.80 -12.07
C SER B 641 23.76 6.31 -12.29
N GLY B 642 24.03 5.60 -11.20
CA GLY B 642 24.39 4.19 -11.25
C GLY B 642 25.79 3.90 -10.76
N SER B 643 26.62 4.91 -10.56
CA SER B 643 27.97 4.71 -10.02
C SER B 643 27.97 4.44 -8.52
N SER B 644 26.84 4.64 -7.84
CA SER B 644 26.72 4.35 -6.42
C SER B 644 25.31 3.88 -6.13
N GLN B 645 25.18 2.65 -5.62
CA GLN B 645 23.90 2.07 -5.24
C GLN B 645 23.91 1.80 -3.73
N PRO B 646 23.63 2.81 -2.91
CA PRO B 646 23.62 2.60 -1.46
C PRO B 646 22.32 1.92 -1.02
N PRO B 647 22.27 1.44 0.22
CA PRO B 647 21.03 0.83 0.71
C PRO B 647 19.90 1.85 0.77
N LEU B 648 18.68 1.39 0.47
CA LEU B 648 17.53 2.29 0.42
C LEU B 648 17.20 2.82 1.82
N GLN B 649 17.39 2.00 2.85
CA GLN B 649 17.12 2.47 4.21
C GLN B 649 18.09 3.58 4.61
N ASP B 650 19.31 3.55 4.09
CA ASP B 650 20.23 4.66 4.32
C ASP B 650 19.74 5.93 3.63
N MET B 651 19.14 5.78 2.45
CA MET B 651 18.56 6.94 1.78
C MET B 651 17.39 7.52 2.58
N ILE B 652 16.50 6.64 3.05
CA ILE B 652 15.33 7.08 3.79
C ILE B 652 15.75 7.76 5.09
N ASP B 653 16.67 7.13 5.82
CA ASP B 653 17.10 7.69 7.10
C ASP B 653 17.93 8.95 6.94
N ARG B 654 18.53 9.18 5.77
CA ARG B 654 19.30 10.41 5.56
C ARG B 654 18.39 11.62 5.47
N MET B 655 17.27 11.51 4.75
CA MET B 655 16.36 12.64 4.61
C MET B 655 15.59 12.89 5.90
N LEU B 656 15.25 11.82 6.63
CA LEU B 656 14.51 11.99 7.88
C LEU B 656 15.41 12.52 8.99
N PHE B 657 16.66 12.07 9.04
CA PHE B 657 17.57 12.54 10.09
C PHE B 657 17.94 13.99 9.89
N ALA B 658 18.12 14.43 8.64
CA ALA B 658 18.50 15.81 8.38
C ALA B 658 17.45 16.77 8.89
N GLU B 659 16.18 16.49 8.62
CA GLU B 659 15.11 17.35 9.14
C GLU B 659 15.01 17.25 10.65
N ALA B 660 15.24 16.05 11.21
CA ALA B 660 15.20 15.89 12.65
C ALA B 660 16.37 16.61 13.32
N LEU B 661 17.57 16.44 12.77
CA LEU B 661 18.74 17.11 13.33
C LEU B 661 18.63 18.62 13.19
N GLU B 662 18.08 19.09 12.07
CA GLU B 662 17.88 20.53 11.90
C GLU B 662 16.80 21.04 12.83
N THR B 663 15.79 20.22 13.14
CA THR B 663 14.74 20.63 14.06
C THR B 663 15.29 20.80 15.47
N GLN B 664 16.17 19.90 15.91
CA GLN B 664 16.76 20.01 17.24
C GLN B 664 17.59 21.27 17.36
N LYS B 665 18.28 21.66 16.29
CA LYS B 665 19.03 22.90 16.31
C LYS B 665 18.10 24.11 16.39
N CYS B 666 16.90 24.00 15.82
CA CYS B 666 15.93 25.09 15.94
C CYS B 666 15.41 25.22 17.36
N LEU B 667 15.33 24.11 18.10
CA LEU B 667 14.89 24.19 19.49
C LEU B 667 15.99 24.75 20.38
N ASP B 668 17.25 24.41 20.09
CA ASP B 668 18.35 24.92 20.90
C ASP B 668 18.59 26.40 20.65
N GLU B 669 18.53 26.83 19.39
CA GLU B 669 18.75 28.24 19.05
C GLU B 669 17.59 29.14 19.46
N GLY B 670 16.50 28.59 19.99
CA GLY B 670 15.37 29.40 20.38
C GLY B 670 14.42 29.75 19.26
N VAL B 671 14.58 29.15 18.07
CA VAL B 671 13.68 29.41 16.96
C VAL B 671 12.25 29.05 17.35
N LEU B 672 12.07 27.87 17.93
CA LEU B 672 10.79 27.43 18.45
C LEU B 672 10.82 27.44 19.98
N THR B 673 9.63 27.26 20.56
CA THR B 673 9.48 27.23 22.01
C THR B 673 9.26 25.82 22.53
N SER B 674 8.17 25.18 22.15
CA SER B 674 7.84 23.82 22.59
C SER B 674 8.01 22.83 21.45
N THR B 675 8.07 21.56 21.80
CA THR B 675 8.16 20.51 20.79
C THR B 675 6.83 20.24 20.11
N ALA B 676 5.73 20.72 20.68
CA ALA B 676 4.43 20.56 20.02
C ALA B 676 4.37 21.38 18.75
N ASP B 677 4.96 22.58 18.75
CA ASP B 677 5.01 23.38 17.53
C ASP B 677 5.93 22.77 16.49
N ALA B 678 6.95 22.04 16.92
CA ALA B 678 7.88 21.41 15.97
C ALA B 678 7.22 20.22 15.28
N ASN B 679 6.59 19.33 16.05
CA ASN B 679 5.93 18.18 15.46
C ASN B 679 4.78 18.62 14.54
N ILE B 680 3.88 19.45 15.06
CA ILE B 680 2.74 19.90 14.26
C ILE B 680 3.22 20.74 13.08
N GLY B 681 4.20 21.60 13.31
CA GLY B 681 4.69 22.45 12.22
C GLY B 681 5.33 21.66 11.11
N SER B 682 6.11 20.63 11.45
CA SER B 682 6.77 19.84 10.42
C SER B 682 5.80 18.94 9.67
N ILE B 683 4.75 18.46 10.34
CA ILE B 683 3.79 17.58 9.69
C ILE B 683 2.85 18.37 8.77
N MET B 684 2.24 19.43 9.29
CA MET B 684 1.26 20.20 8.55
C MET B 684 1.88 21.29 7.69
N GLY B 685 3.19 21.50 7.78
CA GLY B 685 3.82 22.57 7.02
C GLY B 685 4.73 22.06 5.91
N ILE B 686 5.72 21.25 6.27
CA ILE B 686 6.69 20.74 5.31
C ILE B 686 6.41 19.28 4.95
N GLY B 687 5.28 18.73 5.40
CA GLY B 687 4.89 17.38 5.02
C GLY B 687 5.75 16.28 5.58
N PHE B 688 6.21 16.41 6.82
CA PHE B 688 6.97 15.33 7.44
C PHE B 688 6.07 14.11 7.62
N PRO B 689 6.62 12.91 7.48
CA PRO B 689 5.80 11.69 7.52
C PRO B 689 5.02 11.58 8.81
N PRO B 690 3.70 11.40 8.72
CA PRO B 690 2.87 11.34 9.95
C PRO B 690 3.19 10.14 10.83
N TRP B 691 3.72 9.04 10.28
CA TRP B 691 4.02 7.88 11.12
C TRP B 691 5.13 8.17 12.11
N THR B 692 6.00 9.14 11.82
CA THR B 692 7.04 9.52 12.77
C THR B 692 6.49 10.34 13.94
N GLY B 693 5.34 10.98 13.76
CA GLY B 693 4.77 11.82 14.79
C GLY B 693 5.33 13.22 14.84
N GLY B 694 6.09 13.64 13.83
CA GLY B 694 6.72 14.95 13.83
C GLY B 694 8.23 14.86 13.78
N SER B 695 8.88 15.92 13.33
CA SER B 695 10.34 15.92 13.23
CA SER B 695 10.34 15.91 13.23
C SER B 695 11.00 15.80 14.59
N ALA B 696 10.32 16.22 15.66
CA ALA B 696 10.87 16.11 17.00
C ALA B 696 10.48 14.78 17.67
N GLN B 697 9.27 14.30 17.41
CA GLN B 697 8.87 13.00 17.94
C GLN B 697 9.68 11.88 17.31
N PHE B 698 10.10 12.04 16.05
CA PHE B 698 10.97 11.06 15.41
C PHE B 698 12.27 10.87 16.18
N ILE B 699 12.67 11.85 16.99
CA ILE B 699 13.91 11.73 17.76
C ILE B 699 13.74 10.68 18.86
N VAL B 700 12.69 10.79 19.66
CA VAL B 700 12.46 9.87 20.78
C VAL B 700 11.69 8.62 20.37
N GLY B 701 11.07 8.62 19.19
CA GLY B 701 10.31 7.47 18.74
C GLY B 701 10.98 6.70 17.62
N TYR B 702 12.28 6.93 17.43
CA TYR B 702 13.02 6.20 16.40
C TYR B 702 13.07 4.72 16.73
N SER B 703 12.84 3.89 15.70
CA SER B 703 12.81 2.44 15.84
C SER B 703 13.63 1.83 14.71
N GLY B 704 14.95 1.91 14.84
CA GLY B 704 15.85 1.30 13.88
C GLY B 704 16.36 -0.04 14.37
N PRO B 705 17.39 -0.57 13.71
CA PRO B 705 17.93 -1.89 14.10
C PRO B 705 18.83 -1.85 15.32
N ALA B 706 19.18 -0.66 15.82
CA ALA B 706 20.09 -0.53 16.95
C ALA B 706 19.37 -0.27 18.27
N GLY B 707 18.04 -0.29 18.27
CA GLY B 707 17.27 -0.07 19.47
C GLY B 707 16.07 0.81 19.17
N THR B 708 15.58 1.48 20.21
CA THR B 708 14.41 2.34 20.09
C THR B 708 14.51 3.45 21.13
N GLY B 709 14.46 4.70 20.68
CA GLY B 709 14.48 5.85 21.56
C GLY B 709 15.55 6.83 21.16
N LYS B 710 15.78 7.81 22.05
CA LYS B 710 16.79 8.83 21.79
C LYS B 710 18.18 8.21 21.65
N ALA B 711 18.47 7.18 22.44
CA ALA B 711 19.79 6.55 22.39
C ALA B 711 20.01 5.85 21.05
N ALA B 712 18.97 5.24 20.48
CA ALA B 712 19.10 4.57 19.20
C ALA B 712 19.33 5.58 18.07
N PHE B 713 18.71 6.76 18.17
CA PHE B 713 18.93 7.83 17.20
C PHE B 713 20.42 8.15 17.07
N VAL B 714 21.07 8.46 18.19
CA VAL B 714 22.43 8.96 18.16
C VAL B 714 23.36 7.96 17.50
N ALA B 715 23.20 6.67 17.80
CA ALA B 715 24.04 5.65 17.18
C ALA B 715 23.85 5.62 15.67
N ARG B 716 22.59 5.61 15.22
CA ARG B 716 22.31 5.64 13.79
C ARG B 716 22.78 6.94 13.16
N ALA B 717 22.71 8.04 13.90
CA ALA B 717 23.21 9.31 13.37
C ALA B 717 24.72 9.29 13.22
N ARG B 718 25.44 8.82 14.25
CA ARG B 718 26.88 8.69 14.16
C ARG B 718 27.29 7.63 13.14
N GLU B 719 26.39 6.70 12.82
CA GLU B 719 26.68 5.75 11.74
C GLU B 719 26.52 6.41 10.37
N LEU B 720 25.55 7.32 10.24
CA LEU B 720 25.41 8.09 9.01
C LEU B 720 26.50 9.14 8.87
N ALA B 721 27.14 9.53 9.96
CA ALA B 721 28.20 10.55 9.90
C ALA B 721 29.49 9.97 9.35
N ALA B 722 29.86 8.76 9.77
CA ALA B 722 31.08 8.11 9.31
C ALA B 722 30.93 7.49 7.92
N ALA B 723 29.80 7.71 7.25
CA ALA B 723 29.58 7.18 5.92
C ALA B 723 29.00 8.19 4.94
N TYR B 724 28.54 9.36 5.40
CA TYR B 724 27.94 10.34 4.51
C TYR B 724 28.30 11.79 4.83
N GLY B 725 28.97 12.07 5.94
CA GLY B 725 29.39 13.42 6.27
C GLY B 725 29.14 13.78 7.72
N ASP B 726 29.98 14.66 8.25
CA ASP B 726 29.89 15.08 9.66
C ASP B 726 28.65 15.90 9.95
N ARG B 727 27.90 16.33 8.93
CA ARG B 727 26.68 17.10 9.16
C ARG B 727 25.62 16.28 9.87
N PHE B 728 25.74 14.95 9.87
CA PHE B 728 24.79 14.08 10.56
C PHE B 728 25.16 13.85 12.02
N LEU B 729 26.14 14.58 12.55
CA LEU B 729 26.49 14.42 13.96
C LEU B 729 25.47 15.11 14.85
N PRO B 730 25.07 14.48 15.95
CA PRO B 730 24.00 15.05 16.77
C PRO B 730 24.51 16.22 17.60
N PRO B 731 23.63 17.18 17.93
CA PRO B 731 24.06 18.31 18.76
C PRO B 731 24.33 17.92 20.20
N GLU B 732 24.70 18.91 21.03
CA GLU B 732 25.07 18.64 22.41
C GLU B 732 23.87 18.47 23.34
N SER B 733 22.71 19.01 22.95
CA SER B 733 21.54 18.94 23.82
C SER B 733 21.10 17.50 24.07
N LEU B 734 21.34 16.60 23.11
CA LEU B 734 21.01 15.19 23.25
C LEU B 734 22.24 14.30 23.04
N LEU B 735 23.43 14.83 23.29
CA LEU B 735 24.67 14.14 23.00
C LEU B 735 24.96 13.07 24.06
N SER B 736 25.93 12.21 23.75
CA SER B 736 26.38 11.17 24.66
C SER B 736 26.86 11.75 25.99
S SO4 C . -6.28 -42.93 -37.15
O1 SO4 C . -5.52 -41.81 -36.61
O2 SO4 C . -6.37 -42.78 -38.61
O3 SO4 C . -7.62 -42.93 -36.57
O4 SO4 C . -5.61 -44.17 -36.83
S SO4 D . -1.08 -44.76 -32.25
O1 SO4 D . 0.36 -44.62 -32.46
O2 SO4 D . -1.80 -44.06 -33.32
O3 SO4 D . -1.45 -46.17 -32.26
O4 SO4 D . -1.45 -44.19 -30.96
S SO4 E . 28.03 -44.28 -28.37
O1 SO4 E . 29.28 -44.55 -29.06
O2 SO4 E . 27.20 -43.38 -29.19
O3 SO4 E . 27.31 -45.52 -28.14
O4 SO4 E . 28.32 -43.64 -27.09
S SO4 F . 10.21 -1.08 -27.02
O1 SO4 F . 11.43 -1.13 -27.84
O2 SO4 F . 9.17 -0.35 -27.73
O3 SO4 F . 9.76 -2.44 -26.75
O4 SO4 F . 10.50 -0.41 -25.76
C1 GOL G . 28.95 19.11 5.97
O1 GOL G . 28.08 19.37 4.91
C2 GOL G . 29.81 17.90 5.56
O2 GOL G . 29.04 16.80 5.23
C3 GOL G . 30.74 17.64 6.76
O3 GOL G . 31.22 16.34 6.61
S SO4 H . 5.11 -0.46 15.09
O1 SO4 H . 5.41 -0.45 13.67
O2 SO4 H . 6.02 0.46 15.78
O3 SO4 H . 5.30 -1.81 15.62
O4 SO4 H . 3.73 -0.03 15.31
S SO4 I . -17.21 -20.68 10.22
O1 SO4 I . -16.31 -21.77 9.87
O2 SO4 I . -17.38 -19.79 9.07
O3 SO4 I . -18.50 -21.22 10.62
O4 SO4 I . -16.64 -19.92 11.33
S SO4 J . 18.53 -2.05 -1.23
O1 SO4 J . 17.96 -3.23 -1.88
O2 SO4 J . 18.75 -1.00 -2.23
O3 SO4 J . 19.80 -2.40 -0.61
O4 SO4 J . 17.61 -1.56 -0.21
#